data_4LJ7
#
_entry.id   4LJ7
#
_cell.length_a   65.690
_cell.length_b   103.880
_cell.length_c   159.110
_cell.angle_alpha   90.00
_cell.angle_beta   90.00
_cell.angle_gamma   90.00
#
_symmetry.space_group_name_H-M   'P 21 21 21'
#
loop_
_entity.id
_entity.type
_entity.pdbx_description
1 polymer 'Chaperone protein ClpB'
2 non-polymer "2'(3')-O-N-METHYLANTHRANILOYL-ADENOSINE-5'-DIPHOSPHATE"
3 non-polymer 'PHOSPHATE ION'
#
_entity_poly.entity_id   1
_entity_poly.type   'polypeptide(L)'
_entity_poly.pdbx_seq_one_letter_code
;GSHMEVTEEDIAEIVSRWTGIPVSKLLEGEREKLLRLEEELHKRVVGQDEAIRAVADAIRRARAGLKDPNRPIGSFLFLG
PTGVGQTELAKTLAATLFDTEEAMIRIDMTEYMEKHAVSRLIGAPPGYVGYEEGGQLTEAVRRRPYSVILFDEIEKAHPD
VFNILLQILDDGRLTDSHGRTVDFRNTVIILTSNLGSPLILEGLQKGWPYERIRDEVFKVLQQHFRPEFLNRLDEIVVFR
PLTKEQIRQIVEIQLSYLRARLAEKRISLELTEAAKDFLAERGYDPVFGARPLRRVIQRELETPLAQKILAGEVKEGDRV
QVDVGPAGLVFAVPARVEA
;
_entity_poly.pdbx_strand_id   A,B,C
#
loop_
_chem_comp.id
_chem_comp.type
_chem_comp.name
_chem_comp.formula
MNT non-polymer 2'(3')-O-N-METHYLANTHRANILOYL-ADENOSINE-5'-DIPHOSPHATE 'C18 H22 N6 O10 P2'
PO4 non-polymer 'PHOSPHATE ION' 'O4 P -3'
#
# COMPACT_ATOMS: atom_id res chain seq x y z
N GLU A 30 25.47 19.31 -31.56
CA GLU A 30 24.72 19.41 -32.84
C GLU A 30 23.90 20.70 -32.91
N ARG A 31 24.06 21.43 -34.03
CA ARG A 31 23.45 22.75 -34.22
C ARG A 31 21.93 22.72 -34.37
N GLU A 32 21.44 22.00 -35.38
CA GLU A 32 19.99 21.94 -35.63
C GLU A 32 19.24 21.17 -34.52
N LYS A 33 19.98 20.43 -33.70
CA LYS A 33 19.42 19.85 -32.49
C LYS A 33 18.96 20.97 -31.56
N LEU A 34 19.80 22.01 -31.43
CA LEU A 34 19.43 23.21 -30.67
C LEU A 34 18.39 24.05 -31.42
N LEU A 35 18.61 24.23 -32.73
CA LEU A 35 17.70 25.02 -33.57
C LEU A 35 16.30 24.42 -33.65
N ARG A 36 16.20 23.10 -33.49
CA ARG A 36 14.92 22.40 -33.49
C ARG A 36 14.73 21.60 -32.21
N LEU A 37 15.08 22.20 -31.08
CA LEU A 37 15.02 21.54 -29.77
C LEU A 37 13.57 21.32 -29.29
N GLU A 38 12.68 22.24 -29.65
CA GLU A 38 11.26 22.13 -29.27
C GLU A 38 10.62 20.87 -29.84
N GLU A 39 10.69 20.69 -31.15
CA GLU A 39 10.14 19.50 -31.80
C GLU A 39 10.86 18.23 -31.35
N GLU A 40 12.10 18.39 -30.91
CA GLU A 40 12.88 17.28 -30.40
C GLU A 40 12.36 16.84 -29.03
N LEU A 41 12.10 17.80 -28.15
CA LEU A 41 11.52 17.53 -26.84
C LEU A 41 10.06 17.08 -26.93
N HIS A 42 9.37 17.52 -27.99
CA HIS A 42 7.98 17.13 -28.21
C HIS A 42 7.81 15.69 -28.75
N LYS A 43 8.92 15.06 -29.15
CA LYS A 43 8.90 13.66 -29.57
C LYS A 43 8.42 12.77 -28.44
N ARG A 44 8.73 13.19 -27.21
CA ARG A 44 8.40 12.42 -26.02
C ARG A 44 7.44 13.13 -25.07
N VAL A 45 7.43 14.46 -25.09
CA VAL A 45 6.61 15.25 -24.17
C VAL A 45 5.45 15.95 -24.88
N VAL A 46 4.24 15.63 -24.43
CA VAL A 46 3.00 16.15 -25.03
C VAL A 46 2.54 17.43 -24.34
N GLY A 47 2.16 18.43 -25.13
CA GLY A 47 1.69 19.70 -24.60
C GLY A 47 2.79 20.45 -23.87
N GLN A 48 2.40 21.28 -22.90
CA GLN A 48 3.32 22.11 -22.14
C GLN A 48 4.30 22.84 -23.07
N ASP A 49 3.73 23.54 -24.06
CA ASP A 49 4.51 24.24 -25.07
C ASP A 49 5.35 25.36 -24.48
N GLU A 50 4.74 26.16 -23.60
CA GLU A 50 5.41 27.28 -22.95
C GLU A 50 6.58 26.80 -22.08
N ALA A 51 6.38 25.65 -21.44
CA ALA A 51 7.41 25.01 -20.62
C ALA A 51 8.61 24.60 -21.46
N ILE A 52 8.34 23.98 -22.60
CA ILE A 52 9.39 23.53 -23.52
C ILE A 52 10.09 24.69 -24.22
N ARG A 53 9.32 25.71 -24.62
CA ARG A 53 9.89 26.93 -25.20
C ARG A 53 10.89 27.59 -24.26
N ALA A 54 10.46 27.83 -23.02
CA ALA A 54 11.30 28.43 -21.99
C ALA A 54 12.59 27.64 -21.75
N VAL A 55 12.46 26.32 -21.65
CA VAL A 55 13.59 25.41 -21.48
C VAL A 55 14.52 25.48 -22.69
N ALA A 56 13.95 25.37 -23.90
CA ALA A 56 14.72 25.40 -25.13
C ALA A 56 15.44 26.73 -25.34
N ASP A 57 14.81 27.83 -24.94
CA ASP A 57 15.39 29.16 -25.06
C ASP A 57 16.61 29.37 -24.16
N ALA A 58 16.56 28.81 -22.95
CA ALA A 58 17.66 28.95 -21.98
C ALA A 58 18.88 28.14 -22.39
N ILE A 59 18.64 26.95 -22.94
CA ILE A 59 19.72 26.11 -23.45
C ILE A 59 20.40 26.79 -24.64
N ARG A 60 19.61 27.44 -25.49
CA ARG A 60 20.13 28.17 -26.65
C ARG A 60 21.00 29.38 -26.28
N ARG A 61 20.59 30.12 -25.24
CA ARG A 61 21.36 31.27 -24.76
C ARG A 61 22.73 30.85 -24.21
N ALA A 62 22.73 29.76 -23.44
CA ALA A 62 23.95 29.21 -22.88
C ALA A 62 24.88 28.68 -23.97
N ARG A 63 24.31 27.95 -24.92
CA ARG A 63 25.06 27.35 -26.03
C ARG A 63 25.56 28.39 -27.04
N ALA A 64 24.88 29.53 -27.14
CA ALA A 64 25.31 30.63 -27.98
C ALA A 64 26.46 31.41 -27.34
N GLY A 65 26.64 31.21 -26.03
CA GLY A 65 27.70 31.88 -25.27
C GLY A 65 27.29 33.26 -24.80
N LEU A 66 26.05 33.38 -24.31
CA LEU A 66 25.51 34.66 -23.88
C LEU A 66 25.36 34.76 -22.36
N LYS A 67 25.54 33.64 -21.67
CA LYS A 67 25.44 33.59 -20.21
C LYS A 67 26.77 33.17 -19.56
N ASP A 68 26.81 33.20 -18.22
CA ASP A 68 28.01 32.93 -17.44
C ASP A 68 28.55 31.51 -17.68
N PRO A 69 29.81 31.41 -18.18
CA PRO A 69 30.46 30.12 -18.44
C PRO A 69 30.76 29.29 -17.19
N ASN A 70 30.71 29.94 -16.02
CA ASN A 70 30.97 29.26 -14.75
C ASN A 70 29.71 29.00 -13.93
N ARG A 71 28.56 29.14 -14.57
CA ARG A 71 27.27 28.73 -14.01
C ARG A 71 26.80 27.49 -14.77
N PRO A 72 25.72 26.82 -14.29
CA PRO A 72 25.20 25.71 -15.08
C PRO A 72 24.52 26.18 -16.37
N ILE A 73 24.27 25.24 -17.28
CA ILE A 73 23.64 25.51 -18.57
C ILE A 73 22.28 26.19 -18.37
N GLY A 74 21.47 25.62 -17.49
CA GLY A 74 20.17 26.19 -17.17
C GLY A 74 19.74 25.88 -15.76
N SER A 75 19.02 26.83 -15.16
CA SER A 75 18.38 26.63 -13.88
C SER A 75 16.90 26.98 -14.01
N PHE A 76 16.02 26.04 -13.65
CA PHE A 76 14.58 26.21 -13.83
C PHE A 76 13.79 25.88 -12.57
N LEU A 77 12.66 26.56 -12.40
CA LEU A 77 11.67 26.19 -11.39
C LEU A 77 10.40 25.70 -12.07
N PHE A 78 10.18 24.39 -12.00
CA PHE A 78 9.02 23.73 -12.62
C PHE A 78 7.84 23.72 -11.66
N LEU A 79 6.75 24.37 -12.08
CA LEU A 79 5.56 24.47 -11.24
C LEU A 79 4.36 23.81 -11.89
N GLY A 80 3.36 23.47 -11.07
CA GLY A 80 2.13 22.89 -11.57
C GLY A 80 1.72 21.63 -10.84
N PRO A 81 0.76 20.89 -11.43
CA PRO A 81 0.23 19.69 -10.78
C PRO A 81 1.15 18.49 -10.96
N THR A 82 0.85 17.41 -10.23
CA THR A 82 1.64 16.19 -10.28
C THR A 82 1.32 15.38 -11.54
N GLY A 83 2.36 14.81 -12.15
CA GLY A 83 2.21 13.83 -13.23
C GLY A 83 1.75 14.38 -14.56
N VAL A 84 2.24 15.58 -14.92
CA VAL A 84 1.81 16.23 -16.16
C VAL A 84 2.95 16.50 -17.16
N GLY A 85 4.13 15.93 -16.87
CA GLY A 85 5.24 15.97 -17.82
C GLY A 85 6.51 16.62 -17.31
N GLN A 86 6.68 16.68 -15.99
CA GLN A 86 7.85 17.33 -15.41
C GLN A 86 9.08 16.43 -15.43
N THR A 87 8.96 15.23 -14.85
CA THR A 87 10.03 14.22 -14.89
C THR A 87 10.32 13.82 -16.33
N GLU A 88 9.26 13.60 -17.10
CA GLU A 88 9.37 13.20 -18.50
C GLU A 88 10.09 14.25 -19.34
N LEU A 89 9.94 15.53 -18.98
CA LEU A 89 10.67 16.60 -19.65
C LEU A 89 12.16 16.57 -19.26
N ALA A 90 12.43 16.41 -17.97
CA ALA A 90 13.80 16.27 -17.47
C ALA A 90 14.52 15.07 -18.08
N LYS A 91 13.80 13.98 -18.26
CA LYS A 91 14.32 12.77 -18.91
C LYS A 91 14.61 13.03 -20.39
N THR A 92 13.63 13.60 -21.09
CA THR A 92 13.75 13.88 -22.52
C THR A 92 14.90 14.85 -22.80
N LEU A 93 15.02 15.88 -21.96
CA LEU A 93 16.13 16.83 -22.05
C LEU A 93 17.47 16.12 -21.87
N ALA A 94 17.53 15.20 -20.92
CA ALA A 94 18.74 14.41 -20.67
C ALA A 94 19.10 13.50 -21.84
N ALA A 95 18.09 12.89 -22.46
CA ALA A 95 18.30 12.02 -23.61
C ALA A 95 18.71 12.81 -24.86
N THR A 96 18.10 13.98 -25.04
CA THR A 96 18.34 14.84 -26.20
C THR A 96 19.73 15.47 -26.17
N LEU A 97 20.11 16.03 -25.02
CA LEU A 97 21.38 16.74 -24.88
C LEU A 97 22.56 15.84 -24.55
N PHE A 98 22.33 14.79 -23.77
CA PHE A 98 23.42 13.97 -23.23
C PHE A 98 23.37 12.49 -23.63
N ASP A 99 22.57 12.17 -24.63
CA ASP A 99 22.49 10.81 -25.24
C ASP A 99 21.60 9.79 -24.52
N THR A 100 21.35 9.99 -23.23
CA THR A 100 20.58 9.02 -22.43
C THR A 100 19.79 9.63 -21.27
N GLU A 101 18.68 8.96 -20.91
CA GLU A 101 17.89 9.32 -19.72
C GLU A 101 18.68 9.10 -18.44
N GLU A 102 19.64 8.17 -18.51
CA GLU A 102 20.54 7.87 -17.40
C GLU A 102 21.26 9.13 -16.90
N ALA A 103 21.40 10.11 -17.80
CA ALA A 103 22.01 11.39 -17.45
C ALA A 103 21.00 12.30 -16.74
N MET A 104 20.11 11.69 -15.96
CA MET A 104 19.25 12.43 -15.07
C MET A 104 19.36 11.91 -13.64
N ILE A 105 19.64 12.85 -12.74
CA ILE A 105 19.83 12.55 -11.32
C ILE A 105 18.66 13.14 -10.55
N ARG A 106 17.94 12.29 -9.81
CA ARG A 106 16.78 12.73 -9.04
C ARG A 106 17.07 12.79 -7.54
N ILE A 107 17.01 13.99 -6.99
CA ILE A 107 17.17 14.19 -5.56
C ILE A 107 15.85 14.65 -4.97
N ASP A 108 15.20 13.78 -4.21
CA ASP A 108 13.93 14.10 -3.55
C ASP A 108 14.22 14.83 -2.24
N MET A 109 13.87 16.12 -2.19
CA MET A 109 14.17 16.97 -1.03
C MET A 109 13.45 16.57 0.27
N THR A 110 12.33 15.86 0.16
CA THR A 110 11.59 15.41 1.33
C THR A 110 12.40 14.40 2.16
N GLU A 111 13.53 13.98 1.61
CA GLU A 111 14.45 13.08 2.32
C GLU A 111 15.64 13.84 2.89
N TYR A 112 15.79 15.11 2.49
CA TYR A 112 16.91 15.94 2.92
C TYR A 112 16.46 17.19 3.68
N MET A 113 15.64 17.00 4.73
CA MET A 113 15.11 18.15 5.47
C MET A 113 15.49 18.17 6.96
N GLU A 114 16.31 17.22 7.39
CA GLU A 114 16.53 16.99 8.82
C GLU A 114 17.90 17.47 9.36
N LYS A 115 18.50 18.46 8.68
CA LYS A 115 19.75 19.11 9.12
C LYS A 115 21.04 18.28 9.00
N HIS A 116 20.96 16.99 9.32
CA HIS A 116 22.07 16.06 9.11
C HIS A 116 22.14 15.59 7.64
N ALA A 117 21.43 16.30 6.77
CA ALA A 117 21.24 15.93 5.37
C ALA A 117 22.37 16.34 4.44
N VAL A 118 23.06 17.43 4.78
CA VAL A 118 24.16 17.95 3.95
C VAL A 118 25.23 16.88 3.71
N SER A 119 25.51 16.08 4.75
CA SER A 119 26.48 15.00 4.67
C SER A 119 26.00 13.84 3.81
N ARG A 120 24.68 13.70 3.65
CA ARG A 120 24.14 12.72 2.71
C ARG A 120 24.30 13.21 1.27
N LEU A 121 24.12 14.51 1.06
CA LEU A 121 24.26 15.12 -0.27
C LEU A 121 25.69 15.19 -0.78
N ILE A 122 26.60 15.67 0.08
CA ILE A 122 27.97 15.96 -0.36
C ILE A 122 29.04 15.10 0.31
N GLY A 123 28.62 14.24 1.23
CA GLY A 123 29.53 13.30 1.87
C GLY A 123 29.74 13.56 3.36
N ALA A 124 29.99 12.49 4.09
CA ALA A 124 30.34 12.57 5.51
C ALA A 124 31.79 13.08 5.65
N PRO A 125 32.07 13.86 6.71
CA PRO A 125 33.41 14.40 6.94
C PRO A 125 34.45 13.31 7.23
N PRO A 126 35.75 13.57 6.95
CA PRO A 126 36.81 12.61 7.24
C PRO A 126 36.78 12.11 8.70
N GLY A 127 36.86 10.80 8.87
CA GLY A 127 36.84 10.18 10.19
C GLY A 127 35.47 9.70 10.66
N TYR A 128 34.43 10.09 9.92
CA TYR A 128 33.06 9.75 10.27
C TYR A 128 32.53 8.66 9.34
N VAL A 129 31.63 7.82 9.86
CA VAL A 129 31.08 6.69 9.10
C VAL A 129 30.38 7.14 7.80
N GLY A 130 30.91 6.67 6.68
CA GLY A 130 30.36 7.01 5.36
C GLY A 130 31.13 8.09 4.62
N TYR A 131 32.34 8.38 5.09
CA TYR A 131 33.22 9.33 4.41
C TYR A 131 33.68 8.78 3.06
N GLU A 132 34.03 7.50 3.04
CA GLU A 132 34.53 6.83 1.85
C GLU A 132 33.43 6.56 0.81
N GLU A 133 32.18 6.62 1.25
CA GLU A 133 31.02 6.47 0.36
C GLU A 133 30.79 7.69 -0.54
N GLY A 134 31.18 8.87 -0.04
CA GLY A 134 30.91 10.12 -0.73
C GLY A 134 29.49 10.59 -0.48
N GLY A 135 29.03 11.53 -1.30
CA GLY A 135 27.67 12.07 -1.18
C GLY A 135 26.81 11.69 -2.36
N GLN A 136 25.50 11.58 -2.11
CA GLN A 136 24.54 11.14 -3.13
C GLN A 136 24.58 12.00 -4.40
N LEU A 137 24.54 13.32 -4.23
CA LEU A 137 24.59 14.26 -5.35
C LEU A 137 25.99 14.35 -5.95
N THR A 138 27.00 14.52 -5.11
CA THR A 138 28.37 14.74 -5.57
C THR A 138 28.95 13.57 -6.37
N GLU A 139 28.71 12.34 -5.91
CA GLU A 139 29.21 11.15 -6.60
C GLU A 139 28.53 10.97 -7.96
N ALA A 140 27.24 11.26 -8.03
CA ALA A 140 26.47 11.16 -9.27
C ALA A 140 26.93 12.18 -10.33
N VAL A 141 27.21 13.40 -9.89
CA VAL A 141 27.67 14.46 -10.78
C VAL A 141 29.16 14.32 -11.11
N ARG A 142 29.88 13.52 -10.32
CA ARG A 142 31.27 13.22 -10.61
C ARG A 142 31.39 12.31 -11.83
N ARG A 143 30.64 11.20 -11.82
CA ARG A 143 30.69 10.22 -12.90
C ARG A 143 29.77 10.57 -14.07
N ARG A 144 28.89 11.55 -13.88
CA ARG A 144 28.13 12.16 -14.98
C ARG A 144 28.19 13.68 -14.87
N PRO A 145 29.29 14.30 -15.35
CA PRO A 145 29.39 15.76 -15.38
C PRO A 145 28.37 16.38 -16.33
N TYR A 146 28.04 15.65 -17.40
CA TYR A 146 26.99 16.05 -18.32
C TYR A 146 25.69 15.35 -17.92
N SER A 147 24.89 16.03 -17.10
CA SER A 147 23.64 15.46 -16.57
C SER A 147 22.60 16.52 -16.23
N VAL A 148 21.34 16.10 -16.24
CA VAL A 148 20.22 16.93 -15.80
C VAL A 148 19.90 16.55 -14.36
N ILE A 149 19.85 17.55 -13.47
CA ILE A 149 19.61 17.28 -12.05
C ILE A 149 18.23 17.75 -11.62
N LEU A 150 17.46 16.85 -11.04
CA LEU A 150 16.07 17.12 -10.64
C LEU A 150 15.89 17.14 -9.12
N PHE A 151 15.55 18.32 -8.60
CA PHE A 151 15.29 18.50 -7.17
C PHE A 151 13.79 18.62 -6.92
N ASP A 152 13.22 17.62 -6.23
CA ASP A 152 11.77 17.57 -5.94
C ASP A 152 11.38 18.29 -4.66
N GLU A 153 10.41 19.20 -4.78
CA GLU A 153 9.80 19.92 -3.64
C GLU A 153 10.85 20.69 -2.83
N ILE A 154 11.44 21.70 -3.46
CA ILE A 154 12.58 22.44 -2.89
C ILE A 154 12.29 23.19 -1.59
N GLU A 155 11.02 23.50 -1.34
CA GLU A 155 10.63 24.20 -0.12
C GLU A 155 10.85 23.36 1.13
N LYS A 156 10.80 22.04 0.97
CA LYS A 156 10.96 21.09 2.07
C LYS A 156 12.40 21.02 2.55
N ALA A 157 13.35 21.23 1.63
CA ALA A 157 14.78 21.15 1.93
C ALA A 157 15.20 22.03 3.10
N HIS A 158 16.03 21.48 3.98
CA HIS A 158 16.57 22.20 5.13
C HIS A 158 17.45 23.37 4.65
N PRO A 159 17.38 24.53 5.34
CA PRO A 159 18.14 25.72 4.97
C PRO A 159 19.60 25.47 4.55
N ASP A 160 20.25 24.51 5.20
CA ASP A 160 21.64 24.15 4.89
C ASP A 160 21.77 23.41 3.56
N VAL A 161 20.75 22.63 3.21
CA VAL A 161 20.68 21.95 1.92
C VAL A 161 20.41 22.98 0.82
N PHE A 162 19.55 23.96 1.14
CA PHE A 162 19.21 25.06 0.22
C PHE A 162 20.41 25.96 -0.11
N ASN A 163 21.32 26.11 0.86
CA ASN A 163 22.55 26.87 0.66
C ASN A 163 23.51 26.21 -0.33
N ILE A 164 23.49 24.88 -0.34
CA ILE A 164 24.30 24.09 -1.27
C ILE A 164 23.75 24.22 -2.70
N LEU A 165 22.43 24.33 -2.80
CA LEU A 165 21.75 24.58 -4.06
C LEU A 165 22.11 25.95 -4.63
N LEU A 166 22.22 26.95 -3.76
CA LEU A 166 22.65 28.29 -4.15
C LEU A 166 24.10 28.30 -4.64
N GLN A 167 24.94 27.48 -4.01
CA GLN A 167 26.35 27.39 -4.38
C GLN A 167 26.55 26.80 -5.78
N ILE A 168 25.67 25.86 -6.16
CA ILE A 168 25.65 25.31 -7.51
C ILE A 168 25.24 26.39 -8.51
N LEU A 169 24.17 27.11 -8.17
CA LEU A 169 23.64 28.20 -9.00
C LEU A 169 24.61 29.38 -9.17
N ASP A 170 25.49 29.57 -8.20
CA ASP A 170 26.45 30.67 -8.22
C ASP A 170 27.83 30.24 -8.73
N ASP A 171 28.44 29.29 -8.01
CA ASP A 171 29.83 28.88 -8.28
C ASP A 171 29.94 27.95 -9.49
N GLY A 172 28.86 27.24 -9.81
CA GLY A 172 28.88 26.22 -10.86
C GLY A 172 29.73 25.03 -10.46
N ARG A 173 30.05 24.95 -9.18
CA ARG A 173 30.93 23.93 -8.62
C ARG A 173 30.65 23.72 -7.13
N LEU A 174 30.90 22.51 -6.65
CA LEU A 174 30.86 22.21 -5.22
C LEU A 174 32.15 21.56 -4.79
N THR A 175 32.42 21.61 -3.48
CA THR A 175 33.49 20.82 -2.89
C THR A 175 32.85 19.82 -1.94
N ASP A 176 33.03 18.53 -2.23
CA ASP A 176 32.52 17.48 -1.36
C ASP A 176 33.40 17.33 -0.12
N SER A 177 33.04 16.39 0.76
CA SER A 177 33.79 16.19 2.01
C SER A 177 35.19 15.63 1.82
N HIS A 178 35.43 15.03 0.65
CA HIS A 178 36.75 14.51 0.27
C HIS A 178 37.69 15.62 -0.20
N GLY A 179 37.15 16.79 -0.49
CA GLY A 179 37.95 17.92 -0.95
C GLY A 179 38.12 17.97 -2.46
N ARG A 180 37.50 17.03 -3.16
CA ARG A 180 37.52 17.01 -4.62
C ARG A 180 36.42 17.90 -5.16
N THR A 181 36.77 18.76 -6.11
CA THR A 181 35.82 19.70 -6.71
C THR A 181 34.89 18.99 -7.68
N VAL A 182 33.58 19.19 -7.49
CA VAL A 182 32.57 18.62 -8.37
C VAL A 182 32.05 19.71 -9.29
N ASP A 183 32.25 19.50 -10.59
CA ASP A 183 31.85 20.46 -11.61
C ASP A 183 30.37 20.37 -11.94
N PHE A 184 29.71 21.53 -12.03
CA PHE A 184 28.29 21.62 -12.35
C PHE A 184 28.01 22.50 -13.58
N ARG A 185 29.07 22.90 -14.27
CA ARG A 185 28.94 23.82 -15.42
C ARG A 185 28.25 23.21 -16.63
N ASN A 186 28.30 21.87 -16.73
CA ASN A 186 27.67 21.16 -17.84
C ASN A 186 26.32 20.55 -17.46
N THR A 187 25.85 20.84 -16.25
CA THR A 187 24.59 20.30 -15.76
C THR A 187 23.43 21.24 -16.08
N VAL A 188 22.22 20.69 -16.10
CA VAL A 188 21.01 21.48 -16.23
C VAL A 188 20.19 21.27 -14.97
N ILE A 189 20.00 22.34 -14.19
CA ILE A 189 19.31 22.24 -12.91
C ILE A 189 17.81 22.50 -13.05
N ILE A 190 17.02 21.52 -12.62
CA ILE A 190 15.57 21.66 -12.61
C ILE A 190 15.03 21.49 -11.18
N LEU A 191 14.37 22.53 -10.68
CA LEU A 191 13.74 22.52 -9.37
C LEU A 191 12.24 22.41 -9.54
N THR A 192 11.60 21.56 -8.72
CA THR A 192 10.15 21.43 -8.77
C THR A 192 9.53 21.84 -7.43
N SER A 193 8.25 22.21 -7.47
CA SER A 193 7.53 22.64 -6.28
C SER A 193 6.03 22.44 -6.42
N ASN A 194 5.43 21.80 -5.41
CA ASN A 194 3.97 21.68 -5.32
C ASN A 194 3.35 23.01 -4.93
N LEU A 195 4.20 23.94 -4.53
CA LEU A 195 3.81 25.30 -4.15
C LEU A 195 3.34 26.09 -5.38
N GLY A 196 2.21 26.78 -5.22
CA GLY A 196 1.69 27.64 -6.28
C GLY A 196 0.76 26.97 -7.28
N SER A 197 0.64 25.64 -7.21
CA SER A 197 -0.21 24.90 -8.14
C SER A 197 -1.73 25.05 -7.93
N PRO A 198 -2.20 25.19 -6.67
CA PRO A 198 -3.64 25.45 -6.51
C PRO A 198 -4.07 26.79 -7.12
N LEU A 199 -3.13 27.72 -7.25
CA LEU A 199 -3.38 29.01 -7.90
C LEU A 199 -3.53 28.88 -9.41
N ILE A 200 -2.61 28.15 -10.04
CA ILE A 200 -2.63 27.96 -11.50
C ILE A 200 -3.88 27.20 -11.98
N LEU A 201 -4.38 26.29 -11.14
CA LEU A 201 -5.63 25.58 -11.41
C LEU A 201 -6.79 26.57 -11.44
N GLU A 202 -6.81 27.48 -10.47
CA GLU A 202 -7.77 28.59 -10.42
C GLU A 202 -7.59 29.54 -11.60
N GLY A 203 -6.34 29.73 -12.01
CA GLY A 203 -6.01 30.57 -13.15
C GLY A 203 -6.61 30.08 -14.46
N LEU A 204 -6.47 28.78 -14.72
CA LEU A 204 -7.07 28.16 -15.90
C LEU A 204 -8.60 28.10 -15.83
N GLN A 205 -9.12 27.93 -14.61
CA GLN A 205 -10.56 27.96 -14.37
C GLN A 205 -11.17 29.34 -14.71
N LYS A 206 -10.48 30.39 -14.27
CA LYS A 206 -10.88 31.77 -14.58
C LYS A 206 -10.48 32.17 -16.00
N GLY A 207 -9.63 31.36 -16.63
CA GLY A 207 -9.27 31.52 -18.04
C GLY A 207 -8.16 32.52 -18.34
N TRP A 208 -7.31 32.77 -17.35
CA TRP A 208 -6.16 33.66 -17.51
C TRP A 208 -5.18 33.11 -18.55
N PRO A 209 -4.51 34.01 -19.30
CA PRO A 209 -3.44 33.57 -20.21
C PRO A 209 -2.24 33.04 -19.43
N TYR A 210 -1.38 32.27 -20.11
CA TYR A 210 -0.16 31.74 -19.49
C TYR A 210 0.72 32.84 -18.90
N GLU A 211 0.77 33.98 -19.59
CA GLU A 211 1.58 35.13 -19.19
C GLU A 211 1.31 35.58 -17.75
N ARG A 212 0.05 35.89 -17.46
CA ARG A 212 -0.32 36.42 -16.14
C ARG A 212 -0.39 35.36 -15.05
N ILE A 213 -0.56 34.10 -15.44
CA ILE A 213 -0.46 32.98 -14.51
C ILE A 213 0.98 32.90 -13.98
N ARG A 214 1.95 32.96 -14.89
CA ARG A 214 3.38 33.01 -14.54
C ARG A 214 3.69 34.17 -13.60
N ASP A 215 3.05 35.32 -13.84
CA ASP A 215 3.27 36.51 -13.04
C ASP A 215 2.61 36.46 -11.66
N GLU A 216 1.46 35.80 -11.56
CA GLU A 216 0.73 35.69 -10.30
C GLU A 216 1.35 34.68 -9.35
N VAL A 217 1.88 33.58 -9.90
CA VAL A 217 2.52 32.54 -9.09
C VAL A 217 3.83 33.04 -8.50
N PHE A 218 4.48 33.96 -9.22
CA PHE A 218 5.73 34.58 -8.79
C PHE A 218 5.60 35.28 -7.44
N LYS A 219 4.45 35.92 -7.20
CA LYS A 219 4.17 36.59 -5.93
C LYS A 219 3.99 35.60 -4.78
N VAL A 220 3.37 34.46 -5.09
CA VAL A 220 3.24 33.35 -4.14
C VAL A 220 4.64 32.82 -3.79
N LEU A 221 5.52 32.78 -4.78
CA LEU A 221 6.89 32.31 -4.61
C LEU A 221 7.75 33.26 -3.79
N GLN A 222 7.45 34.56 -3.88
CA GLN A 222 8.16 35.59 -3.12
C GLN A 222 7.83 35.56 -1.63
N GLN A 223 6.99 34.60 -1.23
CA GLN A 223 6.57 34.43 0.17
C GLN A 223 7.24 33.23 0.82
N HIS A 224 7.97 32.47 0.02
CA HIS A 224 8.65 31.26 0.50
C HIS A 224 10.13 31.25 0.09
N PHE A 225 10.46 32.10 -0.88
CA PHE A 225 11.83 32.26 -1.34
C PHE A 225 12.13 33.74 -1.54
N ARG A 226 13.30 34.17 -1.05
CA ARG A 226 13.76 35.54 -1.28
C ARG A 226 14.11 35.74 -2.75
N PRO A 227 13.89 36.96 -3.28
CA PRO A 227 14.20 37.29 -4.69
C PRO A 227 15.67 37.06 -5.03
N GLU A 228 16.51 37.05 -4.00
CA GLU A 228 17.91 36.66 -4.10
C GLU A 228 18.04 35.34 -4.88
N PHE A 229 17.21 34.36 -4.51
CA PHE A 229 17.23 33.03 -5.13
C PHE A 229 16.53 33.00 -6.49
N LEU A 230 15.36 33.64 -6.58
CA LEU A 230 14.51 33.54 -7.77
C LEU A 230 15.05 34.23 -9.02
N ASN A 231 15.90 35.24 -8.83
CA ASN A 231 16.53 35.96 -9.93
C ASN A 231 17.61 35.16 -10.66
N ARG A 232 18.26 34.25 -9.92
CA ARG A 232 19.29 33.37 -10.48
C ARG A 232 18.74 32.36 -11.49
N LEU A 233 17.45 32.08 -11.38
CA LEU A 233 16.77 31.13 -12.26
C LEU A 233 16.61 31.69 -13.66
N ASP A 234 16.78 30.84 -14.66
CA ASP A 234 16.57 31.20 -16.06
C ASP A 234 15.09 31.53 -16.30
N GLU A 235 14.22 30.59 -15.95
CA GLU A 235 12.78 30.78 -16.09
C GLU A 235 11.98 30.12 -14.96
N ILE A 236 10.87 30.76 -14.62
CA ILE A 236 9.84 30.13 -13.79
C ILE A 236 8.85 29.47 -14.75
N VAL A 237 8.77 28.15 -14.69
CA VAL A 237 8.05 27.36 -15.68
C VAL A 237 6.73 26.80 -15.13
N VAL A 238 5.66 26.97 -15.89
CA VAL A 238 4.33 26.52 -15.45
C VAL A 238 3.77 25.40 -16.34
N PHE A 239 3.38 24.31 -15.69
CA PHE A 239 2.77 23.16 -16.36
C PHE A 239 1.25 23.16 -16.11
N ARG A 240 0.49 22.84 -17.15
CA ARG A 240 -0.98 22.77 -17.05
C ARG A 240 -1.45 21.35 -16.76
N PRO A 241 -2.70 21.20 -16.30
CA PRO A 241 -3.39 19.91 -16.35
C PRO A 241 -3.54 19.47 -17.81
N LEU A 242 -3.57 18.17 -18.03
CA LEU A 242 -3.63 17.62 -19.38
C LEU A 242 -5.08 17.44 -19.86
N THR A 243 -5.35 17.92 -21.07
CA THR A 243 -6.68 17.77 -21.69
C THR A 243 -6.90 16.34 -22.17
N LYS A 244 -8.15 16.01 -22.46
CA LYS A 244 -8.53 14.68 -22.96
C LYS A 244 -7.75 14.26 -24.21
N GLU A 245 -7.59 15.20 -25.13
CA GLU A 245 -6.82 15.00 -26.35
C GLU A 245 -5.34 14.71 -26.07
N GLN A 246 -4.77 15.41 -25.08
CA GLN A 246 -3.36 15.25 -24.70
C GLN A 246 -3.04 13.92 -24.03
N ILE A 247 -3.98 13.41 -23.24
CA ILE A 247 -3.83 12.12 -22.58
C ILE A 247 -3.78 11.00 -23.62
N ARG A 248 -4.67 11.08 -24.61
CA ARG A 248 -4.69 10.15 -25.74
C ARG A 248 -3.33 10.08 -26.44
N GLN A 249 -2.72 11.24 -26.66
CA GLN A 249 -1.45 11.35 -27.34
C GLN A 249 -0.31 10.69 -26.57
N ILE A 250 -0.40 10.70 -25.24
CA ILE A 250 0.56 10.00 -24.39
C ILE A 250 0.37 8.49 -24.52
N VAL A 251 -0.89 8.04 -24.47
CA VAL A 251 -1.21 6.62 -24.66
C VAL A 251 -0.65 6.12 -25.99
N GLU A 252 -0.88 6.88 -27.07
CA GLU A 252 -0.37 6.53 -28.40
C GLU A 252 1.15 6.38 -28.42
N ILE A 253 1.85 7.32 -27.80
CA ILE A 253 3.30 7.31 -27.71
C ILE A 253 3.81 6.05 -27.01
N GLN A 254 3.13 5.65 -25.94
CA GLN A 254 3.51 4.46 -25.19
C GLN A 254 3.20 3.17 -25.96
N LEU A 255 2.08 3.16 -26.68
CA LEU A 255 1.71 2.05 -27.56
C LEU A 255 2.72 1.91 -28.70
N SER A 256 3.32 3.04 -29.09
CA SER A 256 4.34 3.09 -30.13
C SER A 256 5.60 2.31 -29.71
N TYR A 257 5.99 2.45 -28.44
CA TYR A 257 7.14 1.73 -27.90
C TYR A 257 6.86 0.24 -27.76
N LEU A 258 5.65 -0.09 -27.27
CA LEU A 258 5.22 -1.48 -27.13
C LEU A 258 5.09 -2.17 -28.49
N ARG A 259 4.70 -1.39 -29.50
CA ARG A 259 4.61 -1.87 -30.88
C ARG A 259 5.97 -2.30 -31.43
N ALA A 260 7.01 -1.55 -31.06
CA ALA A 260 8.37 -1.84 -31.50
C ALA A 260 8.88 -3.18 -30.94
N ARG A 261 8.56 -3.45 -29.68
CA ARG A 261 8.92 -4.72 -29.04
C ARG A 261 8.22 -5.94 -29.67
N LEU A 262 6.95 -5.75 -30.05
CA LEU A 262 6.17 -6.81 -30.68
C LEU A 262 6.58 -7.04 -32.13
N ALA A 263 7.08 -5.99 -32.77
CA ALA A 263 7.54 -6.05 -34.17
C ALA A 263 8.74 -6.98 -34.35
N GLU A 264 9.50 -7.18 -33.27
CA GLU A 264 10.64 -8.11 -33.29
C GLU A 264 10.18 -9.56 -33.31
N LYS A 265 8.98 -9.82 -32.79
CA LYS A 265 8.32 -11.12 -32.91
C LYS A 265 7.40 -11.14 -34.13
N ARG A 266 7.42 -10.03 -34.89
CA ARG A 266 6.54 -9.79 -36.05
C ARG A 266 5.06 -9.76 -35.67
N ILE A 267 4.78 -9.19 -34.50
CA ILE A 267 3.42 -9.08 -34.00
C ILE A 267 2.90 -7.65 -34.17
N SER A 268 1.79 -7.52 -34.87
CA SER A 268 1.11 -6.24 -35.02
C SER A 268 0.06 -6.08 -33.93
N LEU A 269 -0.14 -4.85 -33.48
CA LEU A 269 -1.12 -4.56 -32.43
C LEU A 269 -1.97 -3.34 -32.77
N GLU A 270 -3.28 -3.57 -32.84
CA GLU A 270 -4.26 -2.50 -33.01
C GLU A 270 -5.10 -2.37 -31.74
N LEU A 271 -5.51 -1.15 -31.44
CA LEU A 271 -6.49 -0.91 -30.39
C LEU A 271 -7.64 -0.09 -30.96
N THR A 272 -8.86 -0.46 -30.58
CA THR A 272 -10.04 0.32 -30.93
C THR A 272 -10.04 1.62 -30.12
N GLU A 273 -10.82 2.60 -30.55
CA GLU A 273 -10.93 3.88 -29.84
C GLU A 273 -11.33 3.65 -28.38
N ALA A 274 -12.25 2.72 -28.15
CA ALA A 274 -12.68 2.34 -26.81
C ALA A 274 -11.52 1.84 -25.95
N ALA A 275 -10.69 0.98 -26.51
CA ALA A 275 -9.52 0.43 -25.83
C ALA A 275 -8.51 1.52 -25.47
N LYS A 276 -8.36 2.51 -26.36
CA LYS A 276 -7.51 3.66 -26.12
C LYS A 276 -8.09 4.54 -25.00
N ASP A 277 -9.40 4.75 -25.04
CA ASP A 277 -10.11 5.52 -24.01
C ASP A 277 -10.19 4.78 -22.67
N PHE A 278 -10.20 3.45 -22.72
CA PHE A 278 -10.19 2.60 -21.54
C PHE A 278 -8.94 2.87 -20.72
N LEU A 279 -7.79 2.90 -21.40
CA LEU A 279 -6.50 3.09 -20.76
C LEU A 279 -6.33 4.53 -20.28
N ALA A 280 -6.86 5.47 -21.07
CA ALA A 280 -6.77 6.91 -20.76
C ALA A 280 -7.59 7.29 -19.52
N GLU A 281 -8.78 6.70 -19.40
CA GLU A 281 -9.69 6.95 -18.27
C GLU A 281 -9.09 6.45 -16.96
N ARG A 282 -8.44 5.29 -17.01
CA ARG A 282 -7.84 4.64 -15.85
C ARG A 282 -6.45 5.15 -15.49
N GLY A 283 -5.70 5.58 -16.50
CA GLY A 283 -4.31 5.99 -16.31
C GLY A 283 -4.12 7.43 -15.87
N TYR A 284 -5.20 8.20 -15.81
CA TYR A 284 -5.14 9.60 -15.41
C TYR A 284 -6.20 9.96 -14.38
N ASP A 285 -5.78 10.66 -13.34
CA ASP A 285 -6.69 11.34 -12.40
C ASP A 285 -6.08 12.68 -11.98
N PRO A 286 -6.94 13.67 -11.65
CA PRO A 286 -6.46 15.04 -11.42
C PRO A 286 -5.52 15.20 -10.20
N VAL A 287 -5.26 14.12 -9.49
CA VAL A 287 -4.40 14.16 -8.29
C VAL A 287 -2.98 13.69 -8.58
N PHE A 288 -2.84 12.48 -9.13
CA PHE A 288 -1.53 11.92 -9.43
C PHE A 288 -1.13 12.13 -10.90
N GLY A 289 -1.98 12.84 -11.64
CA GLY A 289 -1.74 13.12 -13.06
C GLY A 289 -1.84 11.87 -13.90
N ALA A 290 -0.84 11.66 -14.75
CA ALA A 290 -0.77 10.47 -15.61
C ALA A 290 0.26 9.46 -15.10
N ARG A 291 0.56 9.52 -13.81
CA ARG A 291 1.51 8.59 -13.18
C ARG A 291 1.01 7.14 -13.08
N PRO A 292 -0.32 6.94 -12.93
CA PRO A 292 -0.85 5.57 -12.88
C PRO A 292 -0.77 4.81 -14.22
N LEU A 293 -0.53 5.53 -15.31
CA LEU A 293 -0.60 4.97 -16.65
C LEU A 293 0.33 3.78 -16.90
N ARG A 294 1.54 3.84 -16.36
CA ARG A 294 2.55 2.80 -16.56
C ARG A 294 2.07 1.42 -16.15
N ARG A 295 1.48 1.33 -14.97
CA ARG A 295 1.04 0.05 -14.42
C ARG A 295 -0.39 -0.30 -14.83
N VAL A 296 -1.14 0.71 -15.29
CA VAL A 296 -2.43 0.47 -15.93
C VAL A 296 -2.20 -0.27 -17.26
N ILE A 297 -1.28 0.26 -18.07
CA ILE A 297 -0.87 -0.39 -19.32
C ILE A 297 -0.32 -1.80 -19.01
N GLN A 298 0.48 -1.91 -17.95
CA GLN A 298 1.06 -3.19 -17.55
C GLN A 298 -0.01 -4.18 -17.09
N ARG A 299 -0.92 -3.73 -16.23
CA ARG A 299 -1.97 -4.59 -15.67
C ARG A 299 -3.06 -4.95 -16.70
N GLU A 300 -3.46 -3.98 -17.52
CA GLU A 300 -4.63 -4.12 -18.40
C GLU A 300 -4.30 -4.54 -19.84
N LEU A 301 -3.05 -4.39 -20.25
CA LEU A 301 -2.66 -4.72 -21.63
C LEU A 301 -1.47 -5.69 -21.72
N GLU A 302 -0.38 -5.38 -21.01
CA GLU A 302 0.87 -6.15 -21.13
C GLU A 302 0.82 -7.53 -20.48
N THR A 303 0.25 -7.61 -19.28
CA THR A 303 0.10 -8.89 -18.57
C THR A 303 -0.91 -9.83 -19.26
N PRO A 304 -2.07 -9.29 -19.70
CA PRO A 304 -2.99 -10.15 -20.46
C PRO A 304 -2.43 -10.61 -21.82
N LEU A 305 -1.69 -9.74 -22.50
CA LEU A 305 -1.11 -10.09 -23.80
C LEU A 305 -0.04 -11.17 -23.68
N ALA A 306 0.76 -11.09 -22.62
CA ALA A 306 1.78 -12.09 -22.32
C ALA A 306 1.16 -13.47 -22.16
N GLN A 307 0.06 -13.54 -21.42
CA GLN A 307 -0.68 -14.78 -21.21
C GLN A 307 -1.15 -15.43 -22.52
N LYS A 308 -1.66 -14.61 -23.44
CA LYS A 308 -2.12 -15.07 -24.75
C LYS A 308 -0.96 -15.59 -25.60
N ILE A 309 0.20 -14.93 -25.50
CA ILE A 309 1.40 -15.33 -26.23
C ILE A 309 1.93 -16.68 -25.73
N LEU A 310 1.98 -16.83 -24.41
CA LEU A 310 2.48 -18.06 -23.79
C LEU A 310 1.54 -19.24 -24.00
N ALA A 311 0.23 -18.97 -24.02
CA ALA A 311 -0.77 -20.01 -24.27
C ALA A 311 -0.70 -20.54 -25.70
N GLY A 312 -0.44 -19.64 -26.65
CA GLY A 312 -0.38 -19.99 -28.06
C GLY A 312 -1.46 -19.30 -28.88
N GLU A 313 -2.34 -18.57 -28.18
CA GLU A 313 -3.45 -17.84 -28.80
C GLU A 313 -2.96 -16.66 -29.64
N VAL A 314 -1.88 -16.03 -29.20
CA VAL A 314 -1.20 -15.01 -29.99
C VAL A 314 0.17 -15.53 -30.39
N LYS A 315 0.39 -15.63 -31.70
CA LYS A 315 1.57 -16.27 -32.28
C LYS A 315 2.46 -15.25 -32.97
N GLU A 316 3.68 -15.65 -33.31
CA GLU A 316 4.57 -14.82 -34.12
C GLU A 316 3.98 -14.65 -35.52
N GLY A 317 3.94 -13.41 -35.99
CA GLY A 317 3.38 -13.11 -37.30
C GLY A 317 1.91 -12.71 -37.26
N ASP A 318 1.34 -12.68 -36.05
CA ASP A 318 -0.07 -12.37 -35.87
C ASP A 318 -0.35 -10.88 -35.77
N ARG A 319 -1.49 -10.47 -36.31
CA ARG A 319 -2.01 -9.12 -36.11
C ARG A 319 -3.10 -9.21 -35.05
N VAL A 320 -2.93 -8.45 -33.97
CA VAL A 320 -3.87 -8.50 -32.86
C VAL A 320 -4.74 -7.24 -32.84
N GLN A 321 -6.05 -7.43 -32.73
CA GLN A 321 -6.97 -6.33 -32.47
C GLN A 321 -7.38 -6.37 -31.00
N VAL A 322 -7.17 -5.25 -30.31
CA VAL A 322 -7.52 -5.13 -28.90
C VAL A 322 -8.75 -4.23 -28.73
N ASP A 323 -9.76 -4.76 -28.06
CA ASP A 323 -11.04 -4.06 -27.87
C ASP A 323 -11.44 -4.15 -26.40
N VAL A 324 -12.48 -3.40 -26.02
CA VAL A 324 -13.01 -3.43 -24.66
C VAL A 324 -14.09 -4.50 -24.53
N GLY A 325 -14.02 -5.27 -23.44
CA GLY A 325 -15.07 -6.23 -23.08
C GLY A 325 -15.68 -5.87 -21.73
N PRO A 326 -16.63 -6.69 -21.24
CA PRO A 326 -17.29 -6.43 -19.96
C PRO A 326 -16.37 -6.59 -18.73
N ALA A 327 -15.27 -7.34 -18.89
CA ALA A 327 -14.31 -7.55 -17.80
C ALA A 327 -13.09 -6.64 -17.96
N GLY A 328 -12.60 -6.52 -19.19
CA GLY A 328 -11.46 -5.67 -19.51
C GLY A 328 -11.17 -5.74 -20.99
N LEU A 329 -9.93 -5.44 -21.38
CA LEU A 329 -9.54 -5.50 -22.78
C LEU A 329 -9.49 -6.94 -23.28
N VAL A 330 -9.90 -7.14 -24.53
CA VAL A 330 -9.89 -8.47 -25.15
C VAL A 330 -9.01 -8.48 -26.41
N PHE A 331 -8.45 -9.64 -26.72
CA PHE A 331 -7.51 -9.80 -27.83
C PHE A 331 -8.04 -10.83 -28.81
N ALA A 332 -8.04 -10.47 -30.09
CA ALA A 332 -8.54 -11.37 -31.14
C ALA A 332 -7.63 -11.38 -32.37
N VAL A 333 -7.51 -12.54 -33.00
CA VAL A 333 -6.68 -12.71 -34.19
C VAL A 333 -7.52 -13.20 -35.40
N PRO A 334 -7.71 -12.32 -36.39
CA PRO A 334 -8.44 -12.71 -37.61
C PRO A 334 -7.62 -13.62 -38.51
N LEU B 34 4.25 -22.55 -15.99
CA LEU B 34 4.43 -21.12 -16.38
C LEU B 34 3.10 -20.37 -16.49
N LEU B 35 2.08 -21.04 -17.02
CA LEU B 35 0.73 -20.48 -17.06
C LEU B 35 0.13 -20.42 -15.65
N ARG B 36 0.41 -21.46 -14.86
CA ARG B 36 -0.04 -21.52 -13.47
C ARG B 36 1.16 -21.43 -12.53
N LEU B 37 2.00 -20.43 -12.75
CA LEU B 37 3.20 -20.22 -11.94
C LEU B 37 2.87 -19.82 -10.51
N GLU B 38 1.86 -18.96 -10.35
CA GLU B 38 1.45 -18.48 -9.01
C GLU B 38 1.04 -19.62 -8.08
N GLU B 39 0.18 -20.52 -8.56
CA GLU B 39 -0.28 -21.64 -7.73
C GLU B 39 0.83 -22.67 -7.49
N GLU B 40 1.79 -22.74 -8.41
CA GLU B 40 2.91 -23.66 -8.32
C GLU B 40 3.91 -23.16 -7.28
N LEU B 41 3.98 -21.85 -7.11
CA LEU B 41 4.81 -21.23 -6.08
C LEU B 41 4.14 -21.33 -4.71
N HIS B 42 2.81 -21.34 -4.69
CA HIS B 42 2.03 -21.44 -3.45
C HIS B 42 1.98 -22.85 -2.88
N LYS B 43 2.52 -23.83 -3.62
CA LYS B 43 2.69 -25.18 -3.11
C LYS B 43 3.72 -25.20 -1.98
N ARG B 44 4.65 -24.24 -2.02
CA ARG B 44 5.72 -24.16 -1.03
C ARG B 44 5.77 -22.84 -0.26
N VAL B 45 5.31 -21.75 -0.88
CA VAL B 45 5.30 -20.44 -0.22
C VAL B 45 3.89 -20.01 0.19
N VAL B 46 3.68 -19.91 1.49
CA VAL B 46 2.40 -19.47 2.07
C VAL B 46 2.37 -17.96 2.21
N GLY B 47 1.22 -17.36 1.90
CA GLY B 47 1.04 -15.92 2.00
C GLY B 47 1.85 -15.17 0.97
N GLN B 48 2.19 -13.91 1.28
CA GLN B 48 2.93 -13.03 0.38
C GLN B 48 2.33 -13.03 -1.03
N ASP B 49 1.00 -13.02 -1.09
CA ASP B 49 0.26 -13.14 -2.35
C ASP B 49 0.70 -12.11 -3.39
N GLU B 50 0.74 -10.84 -2.97
CA GLU B 50 1.09 -9.74 -3.86
C GLU B 50 2.52 -9.86 -4.38
N ALA B 51 3.39 -10.40 -3.52
CA ALA B 51 4.79 -10.62 -3.86
C ALA B 51 4.94 -11.66 -4.98
N ILE B 52 4.18 -12.75 -4.87
CA ILE B 52 4.23 -13.84 -5.84
C ILE B 52 3.60 -13.45 -7.19
N ARG B 53 2.57 -12.62 -7.15
CA ARG B 53 1.96 -12.11 -8.37
C ARG B 53 2.93 -11.22 -9.16
N ALA B 54 3.67 -10.37 -8.44
CA ALA B 54 4.63 -9.46 -9.05
C ALA B 54 5.77 -10.21 -9.74
N VAL B 55 6.25 -11.27 -9.09
CA VAL B 55 7.31 -12.12 -9.63
C VAL B 55 6.84 -12.90 -10.85
N ALA B 56 5.64 -13.49 -10.77
CA ALA B 56 5.08 -14.28 -11.85
C ALA B 56 4.74 -13.43 -13.08
N ASP B 57 4.16 -12.26 -12.85
CA ASP B 57 3.80 -11.35 -13.94
C ASP B 57 5.03 -10.85 -14.67
N ALA B 58 6.09 -10.52 -13.91
CA ALA B 58 7.33 -10.01 -14.48
C ALA B 58 8.03 -11.04 -15.37
N ILE B 59 7.98 -12.31 -14.95
CA ILE B 59 8.61 -13.39 -15.69
C ILE B 59 7.82 -13.72 -16.95
N ARG B 60 6.49 -13.76 -16.83
CA ARG B 60 5.60 -14.04 -17.96
C ARG B 60 5.73 -12.99 -19.07
N ARG B 61 5.98 -11.73 -18.68
CA ARG B 61 6.18 -10.65 -19.64
C ARG B 61 7.52 -10.77 -20.37
N ALA B 62 8.54 -11.18 -19.64
CA ALA B 62 9.87 -11.43 -20.21
C ALA B 62 9.86 -12.65 -21.12
N ARG B 63 9.24 -13.74 -20.65
CA ARG B 63 9.10 -14.98 -21.42
C ARG B 63 8.33 -14.80 -22.73
N ALA B 64 7.30 -13.96 -22.70
CA ALA B 64 6.53 -13.64 -23.90
C ALA B 64 7.29 -12.71 -24.85
N GLY B 65 8.38 -12.12 -24.35
CA GLY B 65 9.22 -11.24 -25.16
C GLY B 65 8.72 -9.81 -25.22
N LEU B 66 8.21 -9.32 -24.09
CA LEU B 66 7.67 -7.95 -24.02
C LEU B 66 8.64 -6.97 -23.36
N LYS B 67 9.70 -7.50 -22.76
CA LYS B 67 10.76 -6.67 -22.19
C LYS B 67 12.03 -6.72 -23.03
N ASP B 68 13.07 -6.03 -22.57
CA ASP B 68 14.37 -6.03 -23.25
C ASP B 68 14.98 -7.43 -23.19
N PRO B 69 15.46 -7.94 -24.34
CA PRO B 69 16.08 -9.27 -24.40
C PRO B 69 17.50 -9.31 -23.82
N ASN B 70 18.21 -8.19 -23.89
CA ASN B 70 19.54 -8.07 -23.30
C ASN B 70 19.45 -7.73 -21.81
N ARG B 71 18.94 -8.69 -21.05
CA ARG B 71 18.69 -8.58 -19.61
C ARG B 71 18.37 -9.97 -19.08
N PRO B 72 18.49 -10.18 -17.74
CA PRO B 72 18.05 -11.45 -17.16
C PRO B 72 16.54 -11.64 -17.31
N ILE B 73 16.10 -12.89 -17.23
CA ILE B 73 14.67 -13.23 -17.25
C ILE B 73 13.91 -12.32 -16.28
N GLY B 74 14.41 -12.21 -15.05
CA GLY B 74 13.83 -11.34 -14.04
C GLY B 74 14.84 -10.91 -13.01
N SER B 75 14.79 -9.64 -12.64
CA SER B 75 15.65 -9.10 -11.59
C SER B 75 14.78 -8.49 -10.48
N PHE B 76 14.98 -8.95 -9.25
CA PHE B 76 14.11 -8.55 -8.13
C PHE B 76 14.86 -8.13 -6.87
N LEU B 77 14.22 -7.26 -6.08
CA LEU B 77 14.73 -6.86 -4.77
C LEU B 77 13.73 -7.25 -3.69
N PHE B 78 14.06 -8.28 -2.93
CA PHE B 78 13.18 -8.79 -1.87
C PHE B 78 13.40 -8.01 -0.58
N LEU B 79 12.30 -7.56 0.02
CA LEU B 79 12.36 -6.73 1.24
C LEU B 79 11.34 -7.17 2.28
N GLY B 80 11.66 -6.91 3.55
CA GLY B 80 10.77 -7.25 4.65
C GLY B 80 11.48 -7.93 5.81
N PRO B 81 10.72 -8.38 6.83
CA PRO B 81 11.31 -9.05 7.98
C PRO B 81 11.92 -10.41 7.62
N THR B 82 12.69 -10.97 8.55
CA THR B 82 13.41 -12.22 8.34
C THR B 82 12.50 -13.42 8.61
N GLY B 83 12.62 -14.45 7.78
CA GLY B 83 11.91 -15.72 7.99
C GLY B 83 10.45 -15.73 7.57
N VAL B 84 10.10 -14.95 6.56
CA VAL B 84 8.71 -14.88 6.10
C VAL B 84 8.48 -15.38 4.67
N GLY B 85 9.49 -16.03 4.10
CA GLY B 85 9.36 -16.68 2.79
C GLY B 85 10.31 -16.19 1.73
N GLN B 86 11.33 -15.43 2.14
CA GLN B 86 12.24 -14.76 1.22
C GLN B 86 13.19 -15.74 0.50
N THR B 87 13.83 -16.63 1.24
CA THR B 87 14.70 -17.65 0.67
C THR B 87 13.90 -18.79 0.04
N GLU B 88 12.78 -19.13 0.67
CA GLU B 88 11.91 -20.19 0.19
C GLU B 88 11.39 -19.91 -1.23
N LEU B 89 10.98 -18.66 -1.48
CA LEU B 89 10.50 -18.26 -2.80
C LEU B 89 11.58 -18.43 -3.87
N ALA B 90 12.80 -18.01 -3.54
CA ALA B 90 13.96 -18.18 -4.43
C ALA B 90 14.18 -19.65 -4.77
N LYS B 91 14.13 -20.51 -3.74
CA LYS B 91 14.28 -21.95 -3.90
C LYS B 91 13.17 -22.56 -4.76
N THR B 92 11.93 -22.14 -4.52
CA THR B 92 10.78 -22.65 -5.26
C THR B 92 10.85 -22.22 -6.73
N LEU B 93 11.25 -20.96 -6.95
CA LEU B 93 11.40 -20.43 -8.30
C LEU B 93 12.43 -21.22 -9.11
N ALA B 94 13.54 -21.58 -8.47
CA ALA B 94 14.59 -22.39 -9.09
C ALA B 94 14.12 -23.79 -9.47
N ALA B 95 13.31 -24.39 -8.60
CA ALA B 95 12.80 -25.74 -8.81
C ALA B 95 11.65 -25.76 -9.81
N THR B 96 10.83 -24.72 -9.78
CA THR B 96 9.67 -24.60 -10.67
C THR B 96 10.10 -24.26 -12.09
N LEU B 97 10.94 -23.24 -12.22
CA LEU B 97 11.41 -22.75 -13.52
C LEU B 97 12.47 -23.67 -14.14
N PHE B 98 13.46 -24.07 -13.33
CA PHE B 98 14.63 -24.79 -13.85
C PHE B 98 14.76 -26.24 -13.37
N ASP B 99 13.66 -26.79 -12.85
CA ASP B 99 13.51 -28.24 -12.57
C ASP B 99 14.14 -28.77 -11.28
N THR B 100 15.08 -28.02 -10.70
CA THR B 100 15.77 -28.45 -9.47
C THR B 100 16.22 -27.28 -8.60
N GLU B 101 16.33 -27.52 -7.29
CA GLU B 101 16.87 -26.54 -6.35
C GLU B 101 18.38 -26.36 -6.54
N GLU B 102 19.02 -27.36 -7.15
CA GLU B 102 20.43 -27.28 -7.55
C GLU B 102 20.68 -26.06 -8.43
N ALA B 103 19.60 -25.53 -9.00
CA ALA B 103 19.66 -24.38 -9.90
C ALA B 103 19.73 -23.04 -9.16
N MET B 104 19.66 -23.08 -7.83
CA MET B 104 19.83 -21.86 -7.05
C MET B 104 21.29 -21.68 -6.62
N ILE B 105 21.85 -20.53 -6.94
CA ILE B 105 23.20 -20.16 -6.50
C ILE B 105 23.09 -19.01 -5.51
N ARG B 106 23.49 -19.27 -4.27
CA ARG B 106 23.43 -18.25 -3.23
C ARG B 106 24.79 -17.58 -3.01
N ILE B 107 24.77 -16.25 -2.96
CA ILE B 107 25.95 -15.46 -2.65
C ILE B 107 25.63 -14.59 -1.44
N ASP B 108 26.30 -14.89 -0.32
CA ASP B 108 26.15 -14.09 0.89
C ASP B 108 27.10 -12.89 0.81
N MET B 109 26.53 -11.69 0.69
CA MET B 109 27.32 -10.48 0.46
C MET B 109 28.09 -10.00 1.70
N THR B 110 27.83 -10.62 2.85
CA THR B 110 28.64 -10.38 4.06
C THR B 110 30.01 -11.08 3.93
N GLU B 111 30.12 -11.99 2.96
CA GLU B 111 31.40 -12.61 2.60
C GLU B 111 32.16 -11.73 1.61
N TYR B 112 31.53 -10.67 1.15
CA TYR B 112 32.09 -9.82 0.10
C TYR B 112 32.08 -8.34 0.49
N MET B 113 32.65 -8.04 1.66
CA MET B 113 32.65 -6.67 2.18
C MET B 113 33.96 -5.93 1.90
N GLU B 114 35.04 -6.68 1.73
CA GLU B 114 36.37 -6.10 1.49
C GLU B 114 36.62 -5.80 0.00
N LYS B 115 37.73 -5.10 -0.27
CA LYS B 115 38.10 -4.70 -1.63
C LYS B 115 38.40 -5.88 -2.54
N HIS B 116 39.13 -6.86 -2.02
CA HIS B 116 39.56 -8.03 -2.81
C HIS B 116 38.42 -9.00 -3.16
N ALA B 117 37.19 -8.59 -2.87
CA ALA B 117 36.02 -9.47 -3.03
C ALA B 117 35.57 -9.69 -4.47
N VAL B 118 35.89 -8.73 -5.35
CA VAL B 118 35.54 -8.86 -6.78
C VAL B 118 36.29 -10.01 -7.45
N SER B 119 37.55 -10.20 -7.06
CA SER B 119 38.37 -11.29 -7.60
C SER B 119 37.82 -12.65 -7.19
N ARG B 120 37.09 -12.68 -6.08
CA ARG B 120 36.42 -13.90 -5.64
C ARG B 120 35.20 -14.21 -6.52
N LEU B 121 34.62 -13.18 -7.11
CA LEU B 121 33.39 -13.32 -7.91
C LEU B 121 33.62 -13.55 -9.40
N ILE B 122 34.46 -12.72 -10.03
CA ILE B 122 34.71 -12.83 -11.46
C ILE B 122 36.07 -13.46 -11.81
N GLY B 123 36.87 -13.71 -10.78
CA GLY B 123 38.18 -14.33 -10.96
C GLY B 123 39.32 -13.42 -10.59
N ALA B 124 40.46 -14.00 -10.23
CA ALA B 124 41.67 -13.23 -9.96
C ALA B 124 42.28 -12.73 -11.28
N PRO B 125 42.87 -11.53 -11.27
CA PRO B 125 43.50 -10.99 -12.47
C PRO B 125 44.79 -11.72 -12.85
N PRO B 126 45.25 -11.59 -14.11
CA PRO B 126 46.56 -12.14 -14.44
C PRO B 126 47.69 -11.17 -14.07
N GLY B 127 48.80 -11.68 -13.55
CA GLY B 127 48.99 -13.10 -13.26
C GLY B 127 48.99 -13.35 -11.77
N TYR B 128 47.80 -13.53 -11.21
CA TYR B 128 47.63 -13.81 -9.79
C TYR B 128 47.48 -15.31 -9.56
N VAL B 129 47.47 -15.72 -8.30
CA VAL B 129 47.21 -17.11 -7.95
C VAL B 129 45.70 -17.39 -8.08
N GLY B 130 45.36 -18.36 -8.92
CA GLY B 130 43.97 -18.74 -9.18
C GLY B 130 43.36 -18.04 -10.37
N TYR B 131 44.20 -17.63 -11.33
CA TYR B 131 43.74 -16.96 -12.54
C TYR B 131 42.97 -17.94 -13.45
N GLU B 132 43.58 -19.09 -13.72
CA GLU B 132 42.99 -20.11 -14.60
C GLU B 132 41.72 -20.72 -14.01
N GLU B 133 41.56 -20.55 -12.70
CA GLU B 133 40.43 -21.06 -11.94
C GLU B 133 39.13 -20.33 -12.29
N GLY B 134 39.22 -19.03 -12.51
CA GLY B 134 38.05 -18.18 -12.74
C GLY B 134 37.40 -17.76 -11.44
N GLY B 135 36.20 -17.18 -11.55
CA GLY B 135 35.47 -16.70 -10.37
C GLY B 135 34.32 -17.60 -9.95
N GLN B 136 33.88 -17.42 -8.70
CA GLN B 136 32.79 -18.20 -8.11
C GLN B 136 31.51 -18.07 -8.94
N LEU B 137 31.10 -16.83 -9.18
CA LEU B 137 29.85 -16.53 -9.88
C LEU B 137 29.93 -16.82 -11.37
N THR B 138 30.97 -16.29 -12.02
CA THR B 138 31.15 -16.39 -13.46
C THR B 138 31.23 -17.83 -13.97
N GLU B 139 31.87 -18.71 -13.21
CA GLU B 139 32.02 -20.11 -13.60
C GLU B 139 30.74 -20.92 -13.38
N ALA B 140 30.07 -20.65 -12.26
CA ALA B 140 28.80 -21.32 -11.93
C ALA B 140 27.68 -20.99 -12.93
N VAL B 141 27.72 -19.78 -13.47
CA VAL B 141 26.73 -19.32 -14.45
C VAL B 141 27.13 -19.73 -15.87
N ARG B 142 28.36 -20.20 -16.04
CA ARG B 142 28.79 -20.74 -17.31
C ARG B 142 28.34 -22.19 -17.47
N ARG B 143 28.45 -22.96 -16.37
CA ARG B 143 27.95 -24.34 -16.36
C ARG B 143 26.43 -24.40 -16.24
N ARG B 144 25.85 -23.50 -15.44
CA ARG B 144 24.40 -23.37 -15.35
C ARG B 144 23.93 -21.99 -15.80
N PRO B 145 23.67 -21.83 -17.11
CA PRO B 145 23.12 -20.57 -17.65
C PRO B 145 21.70 -20.33 -17.17
N TYR B 146 20.96 -21.41 -16.93
CA TYR B 146 19.61 -21.35 -16.41
C TYR B 146 19.63 -21.57 -14.90
N SER B 147 19.68 -20.47 -14.15
CA SER B 147 19.80 -20.54 -12.70
C SER B 147 19.19 -19.32 -12.01
N VAL B 148 18.73 -19.53 -10.77
CA VAL B 148 18.32 -18.43 -9.90
C VAL B 148 19.51 -18.02 -9.05
N ILE B 149 19.86 -16.74 -9.10
CA ILE B 149 21.01 -16.22 -8.37
C ILE B 149 20.55 -15.30 -7.24
N LEU B 150 20.77 -15.75 -6.01
CA LEU B 150 20.35 -15.02 -4.82
C LEU B 150 21.51 -14.28 -4.17
N PHE B 151 21.42 -12.95 -4.17
CA PHE B 151 22.42 -12.10 -3.51
C PHE B 151 21.87 -11.62 -2.17
N ASP B 152 22.30 -12.28 -1.09
CA ASP B 152 21.81 -11.97 0.26
C ASP B 152 22.44 -10.73 0.87
N GLU B 153 21.59 -9.82 1.35
CA GLU B 153 22.01 -8.60 2.07
C GLU B 153 22.98 -7.74 1.25
N ILE B 154 22.50 -7.21 0.13
CA ILE B 154 23.33 -6.49 -0.83
C ILE B 154 23.93 -5.16 -0.34
N GLU B 155 23.34 -4.58 0.70
CA GLU B 155 23.84 -3.33 1.26
C GLU B 155 25.25 -3.49 1.86
N LYS B 156 25.60 -4.72 2.24
CA LYS B 156 26.90 -5.02 2.83
C LYS B 156 28.02 -5.10 1.79
N ALA B 157 27.64 -5.32 0.54
CA ALA B 157 28.60 -5.48 -0.55
C ALA B 157 29.48 -4.26 -0.76
N HIS B 158 30.73 -4.52 -1.17
CA HIS B 158 31.68 -3.48 -1.50
C HIS B 158 31.22 -2.74 -2.75
N PRO B 159 31.46 -1.40 -2.82
CA PRO B 159 31.15 -0.60 -4.01
C PRO B 159 31.53 -1.26 -5.33
N ASP B 160 32.75 -1.81 -5.41
CA ASP B 160 33.24 -2.48 -6.62
C ASP B 160 32.46 -3.76 -6.94
N VAL B 161 32.08 -4.49 -5.89
CA VAL B 161 31.26 -5.68 -6.03
C VAL B 161 29.90 -5.31 -6.61
N PHE B 162 29.48 -4.08 -6.35
CA PHE B 162 28.20 -3.58 -6.84
C PHE B 162 28.20 -3.30 -8.34
N ASN B 163 29.35 -2.94 -8.90
CA ASN B 163 29.48 -2.70 -10.35
C ASN B 163 29.27 -3.96 -11.20
N ILE B 164 29.49 -5.12 -10.59
CA ILE B 164 29.21 -6.42 -11.22
C ILE B 164 27.72 -6.55 -11.50
N LEU B 165 26.91 -6.17 -10.52
CA LEU B 165 25.45 -6.22 -10.64
C LEU B 165 24.93 -5.28 -11.71
N LEU B 166 25.58 -4.12 -11.86
CA LEU B 166 25.18 -3.13 -12.85
C LEU B 166 25.33 -3.64 -14.28
N GLN B 167 26.38 -4.42 -14.55
CA GLN B 167 26.58 -5.06 -15.84
C GLN B 167 25.43 -6.01 -16.16
N ILE B 168 25.13 -6.89 -15.21
CA ILE B 168 24.09 -7.91 -15.36
C ILE B 168 22.73 -7.28 -15.65
N LEU B 169 22.43 -6.19 -14.95
CA LEU B 169 21.16 -5.48 -15.11
C LEU B 169 21.16 -4.52 -16.30
N ASP B 170 22.21 -4.57 -17.12
CA ASP B 170 22.33 -3.71 -18.29
C ASP B 170 22.39 -4.54 -19.58
N ASP B 171 23.46 -5.31 -19.74
CA ASP B 171 23.65 -6.18 -20.90
C ASP B 171 22.93 -7.51 -20.73
N GLY B 172 22.72 -7.90 -19.47
CA GLY B 172 22.38 -9.29 -19.17
C GLY B 172 23.62 -10.15 -19.34
N ARG B 173 24.78 -9.51 -19.16
CA ARG B 173 26.08 -10.17 -19.30
C ARG B 173 27.04 -9.66 -18.23
N LEU B 174 28.20 -10.30 -18.14
CA LEU B 174 29.22 -9.95 -17.17
C LEU B 174 30.61 -10.37 -17.64
N THR B 175 31.56 -9.46 -17.55
CA THR B 175 32.94 -9.73 -17.92
C THR B 175 33.68 -10.38 -16.75
N ASP B 176 34.34 -11.50 -17.01
CA ASP B 176 35.20 -12.13 -16.00
C ASP B 176 36.63 -11.57 -16.08
N SER B 177 37.55 -12.22 -15.37
CA SER B 177 38.93 -11.75 -15.31
C SER B 177 39.80 -12.16 -16.50
N HIS B 178 39.39 -13.23 -17.18
CA HIS B 178 40.03 -13.65 -18.42
C HIS B 178 39.66 -12.71 -19.59
N GLY B 179 38.65 -11.88 -19.38
CA GLY B 179 38.20 -10.93 -20.39
C GLY B 179 37.00 -11.40 -21.19
N ARG B 180 36.57 -12.64 -20.95
CA ARG B 180 35.41 -13.23 -21.62
C ARG B 180 34.11 -12.84 -20.93
N THR B 181 33.05 -12.64 -21.72
CA THR B 181 31.75 -12.23 -21.18
C THR B 181 30.85 -13.45 -20.94
N VAL B 182 30.27 -13.52 -19.74
CA VAL B 182 29.39 -14.63 -19.36
C VAL B 182 27.92 -14.21 -19.54
N ASP B 183 27.13 -15.13 -20.09
CA ASP B 183 25.73 -14.87 -20.42
C ASP B 183 24.82 -15.01 -19.20
N PHE B 184 24.09 -13.94 -18.88
CA PHE B 184 23.17 -13.94 -17.75
C PHE B 184 21.71 -13.77 -18.19
N ARG B 185 21.48 -13.75 -19.50
CA ARG B 185 20.15 -13.49 -20.07
C ARG B 185 19.10 -14.56 -19.75
N ASN B 186 19.56 -15.74 -19.33
CA ASN B 186 18.66 -16.81 -18.94
C ASN B 186 18.66 -17.08 -17.43
N THR B 187 19.18 -16.12 -16.66
CA THR B 187 19.19 -16.21 -15.20
C THR B 187 18.05 -15.40 -14.58
N VAL B 188 17.74 -15.72 -13.33
CA VAL B 188 16.80 -14.92 -12.54
C VAL B 188 17.56 -14.36 -11.34
N ILE B 189 17.70 -13.04 -11.32
CA ILE B 189 18.48 -12.35 -10.29
C ILE B 189 17.57 -11.93 -9.14
N ILE B 190 17.90 -12.39 -7.94
CA ILE B 190 17.20 -11.96 -6.73
C ILE B 190 18.19 -11.33 -5.74
N LEU B 191 17.84 -10.14 -5.25
CA LEU B 191 18.65 -9.44 -4.24
C LEU B 191 17.80 -9.16 -3.01
N THR B 192 18.37 -9.41 -1.83
CA THR B 192 17.64 -9.20 -0.57
C THR B 192 18.30 -8.11 0.27
N SER B 193 17.54 -7.54 1.19
CA SER B 193 18.03 -6.48 2.07
C SER B 193 17.09 -6.26 3.25
N ASN B 194 17.66 -5.90 4.40
CA ASN B 194 16.90 -5.53 5.59
C ASN B 194 16.70 -4.02 5.66
N LEU B 195 17.12 -3.33 4.60
CA LEU B 195 17.19 -1.87 4.57
C LEU B 195 15.83 -1.17 4.59
N GLY B 196 14.82 -1.82 4.01
CA GLY B 196 13.48 -1.24 3.94
C GLY B 196 12.53 -1.75 5.01
N SER B 197 13.00 -2.71 5.81
CA SER B 197 12.15 -3.42 6.78
C SER B 197 11.45 -2.57 7.86
N PRO B 198 12.14 -1.58 8.46
CA PRO B 198 11.45 -0.79 9.49
C PRO B 198 10.31 0.05 8.94
N LEU B 199 10.43 0.44 7.67
CA LEU B 199 9.41 1.23 6.99
C LEU B 199 8.16 0.41 6.66
N ILE B 200 8.36 -0.80 6.12
CA ILE B 200 7.23 -1.64 5.71
C ILE B 200 6.36 -2.06 6.89
N LEU B 201 6.97 -2.18 8.08
CA LEU B 201 6.25 -2.52 9.30
C LEU B 201 5.31 -1.38 9.69
N GLU B 202 5.82 -0.15 9.62
CA GLU B 202 5.03 1.04 9.91
C GLU B 202 3.95 1.28 8.86
N GLY B 203 4.20 0.79 7.64
CA GLY B 203 3.20 0.83 6.57
C GLY B 203 2.06 -0.13 6.86
N LEU B 204 2.42 -1.32 7.36
CA LEU B 204 1.45 -2.34 7.72
C LEU B 204 0.56 -1.94 8.89
N GLN B 205 1.15 -1.27 9.89
CA GLN B 205 0.38 -0.78 11.05
C GLN B 205 -0.48 0.43 10.71
N LYS B 206 -0.12 1.15 9.64
CA LYS B 206 -0.92 2.27 9.15
C LYS B 206 -1.94 1.83 8.09
N GLY B 207 -1.97 0.53 7.82
CA GLY B 207 -2.97 -0.07 6.92
C GLY B 207 -2.84 0.28 5.45
N TRP B 208 -1.63 0.63 5.02
CA TRP B 208 -1.36 0.94 3.63
C TRP B 208 -1.48 -0.31 2.75
N PRO B 209 -2.04 -0.16 1.53
CA PRO B 209 -2.05 -1.27 0.57
C PRO B 209 -0.66 -1.58 0.05
N TYR B 210 -0.49 -2.77 -0.53
CA TYR B 210 0.81 -3.25 -1.01
C TYR B 210 1.49 -2.28 -1.98
N GLU B 211 0.73 -1.76 -2.93
CA GLU B 211 1.25 -0.91 -4.01
C GLU B 211 1.94 0.36 -3.50
N ARG B 212 1.40 0.96 -2.45
CA ARG B 212 1.98 2.20 -1.92
C ARG B 212 3.12 1.96 -0.93
N ILE B 213 3.10 0.81 -0.26
CA ILE B 213 4.24 0.38 0.57
C ILE B 213 5.45 0.17 -0.35
N ARG B 214 5.24 -0.55 -1.45
CA ARG B 214 6.25 -0.76 -2.47
C ARG B 214 6.86 0.56 -2.94
N ASP B 215 6.00 1.55 -3.19
CA ASP B 215 6.43 2.86 -3.70
C ASP B 215 7.14 3.70 -2.64
N GLU B 216 6.64 3.65 -1.41
CA GLU B 216 7.25 4.39 -0.30
C GLU B 216 8.65 3.87 0.06
N VAL B 217 8.84 2.56 -0.04
CA VAL B 217 10.14 1.94 0.22
C VAL B 217 11.10 2.21 -0.94
N PHE B 218 10.57 2.20 -2.17
CA PHE B 218 11.34 2.56 -3.36
C PHE B 218 11.92 3.96 -3.27
N LYS B 219 11.21 4.87 -2.59
CA LYS B 219 11.69 6.22 -2.34
C LYS B 219 12.81 6.24 -1.29
N VAL B 220 12.74 5.33 -0.33
CA VAL B 220 13.73 5.20 0.74
C VAL B 220 15.04 4.59 0.23
N LEU B 221 14.92 3.51 -0.53
CA LEU B 221 16.08 2.79 -1.08
C LEU B 221 16.91 3.63 -2.05
N GLN B 222 16.34 4.72 -2.55
CA GLN B 222 17.05 5.64 -3.44
C GLN B 222 18.14 6.42 -2.72
N GLN B 223 18.16 6.34 -1.39
CA GLN B 223 19.17 6.99 -0.55
C GLN B 223 20.39 6.11 -0.30
N HIS B 224 20.25 4.81 -0.49
CA HIS B 224 21.32 3.85 -0.26
C HIS B 224 21.88 3.28 -1.56
N PHE B 225 21.07 3.28 -2.62
CA PHE B 225 21.48 2.78 -3.92
C PHE B 225 21.37 3.85 -5.01
N ARG B 226 22.24 3.74 -6.01
CA ARG B 226 22.26 4.65 -7.16
C ARG B 226 21.16 4.33 -8.18
N PRO B 227 20.73 5.34 -8.98
CA PRO B 227 19.70 5.15 -10.00
C PRO B 227 20.02 4.05 -11.02
N GLU B 228 21.28 3.99 -11.45
CA GLU B 228 21.74 2.95 -12.39
C GLU B 228 21.56 1.53 -11.83
N PHE B 229 20.92 1.42 -10.68
CA PHE B 229 20.65 0.13 -10.07
C PHE B 229 19.14 -0.15 -9.96
N LEU B 230 18.44 0.67 -9.17
CA LEU B 230 17.02 0.44 -8.88
C LEU B 230 16.14 0.54 -10.12
N ASN B 231 16.47 1.48 -11.01
CA ASN B 231 15.72 1.66 -12.25
C ASN B 231 15.78 0.46 -13.19
N ARG B 232 16.82 -0.35 -13.04
CA ARG B 232 17.04 -1.52 -13.90
C ARG B 232 16.44 -2.79 -13.30
N LEU B 233 15.91 -2.68 -12.10
CA LEU B 233 15.22 -3.79 -11.45
C LEU B 233 13.79 -3.87 -11.95
N ASP B 234 13.34 -5.10 -12.25
CA ASP B 234 11.98 -5.34 -12.72
C ASP B 234 10.96 -4.95 -11.65
N GLU B 235 11.12 -5.51 -10.45
CA GLU B 235 10.19 -5.24 -9.35
C GLU B 235 10.86 -5.10 -7.98
N ILE B 236 10.29 -4.23 -7.15
CA ILE B 236 10.59 -4.18 -5.73
C ILE B 236 9.52 -5.03 -5.02
N VAL B 237 9.96 -6.07 -4.32
CA VAL B 237 9.05 -7.08 -3.78
C VAL B 237 9.02 -7.07 -2.25
N VAL B 238 7.86 -6.74 -1.69
CA VAL B 238 7.69 -6.59 -0.24
C VAL B 238 7.07 -7.83 0.40
N PHE B 239 7.73 -8.33 1.44
CA PHE B 239 7.26 -9.47 2.22
C PHE B 239 6.69 -9.00 3.57
N ARG B 240 5.52 -9.51 3.93
CA ARG B 240 4.83 -9.12 5.16
C ARG B 240 5.15 -10.10 6.30
N PRO B 241 5.03 -9.65 7.56
CA PRO B 241 4.99 -10.59 8.67
C PRO B 241 3.82 -11.53 8.51
N LEU B 242 4.06 -12.83 8.70
CA LEU B 242 3.06 -13.86 8.48
C LEU B 242 2.00 -13.86 9.58
N THR B 243 0.75 -14.08 9.20
CA THR B 243 -0.35 -14.17 10.17
C THR B 243 -0.38 -15.56 10.81
N LYS B 244 -1.06 -15.67 11.95
CA LYS B 244 -1.18 -16.93 12.68
C LYS B 244 -1.77 -18.06 11.83
N GLU B 245 -2.79 -17.72 11.02
CA GLU B 245 -3.37 -18.67 10.06
C GLU B 245 -2.33 -19.11 9.03
N GLN B 246 -1.56 -18.16 8.53
CA GLN B 246 -0.48 -18.44 7.57
C GLN B 246 0.61 -19.35 8.14
N ILE B 247 0.92 -19.17 9.42
CA ILE B 247 1.92 -20.00 10.10
C ILE B 247 1.39 -21.42 10.32
N ARG B 248 0.11 -21.53 10.66
CA ARG B 248 -0.55 -22.84 10.80
C ARG B 248 -0.42 -23.68 9.53
N GLN B 249 -0.41 -23.01 8.38
CA GLN B 249 -0.28 -23.68 7.08
C GLN B 249 1.16 -24.08 6.78
N ILE B 250 2.11 -23.31 7.28
CA ILE B 250 3.54 -23.63 7.11
C ILE B 250 3.91 -24.90 7.88
N VAL B 251 3.37 -25.04 9.10
CA VAL B 251 3.55 -26.24 9.91
C VAL B 251 3.12 -27.51 9.16
N GLU B 252 2.01 -27.41 8.41
CA GLU B 252 1.50 -28.52 7.59
C GLU B 252 2.46 -28.92 6.47
N ILE B 253 3.14 -27.94 5.88
CA ILE B 253 4.14 -28.17 4.83
C ILE B 253 5.44 -28.76 5.40
N GLN B 254 5.89 -28.23 6.53
CA GLN B 254 7.10 -28.70 7.21
C GLN B 254 7.03 -30.20 7.51
N LEU B 255 5.83 -30.71 7.73
CA LEU B 255 5.60 -32.11 8.09
C LEU B 255 5.54 -33.06 6.89
N SER B 256 5.78 -32.54 5.69
CA SER B 256 5.65 -33.32 4.45
C SER B 256 6.58 -34.54 4.40
N TYR B 257 7.80 -34.38 4.92
CA TYR B 257 8.75 -35.50 4.96
C TYR B 257 8.47 -36.48 6.10
N LEU B 258 7.99 -35.95 7.23
CA LEU B 258 7.64 -36.77 8.39
C LEU B 258 6.46 -37.70 8.07
N ARG B 259 5.44 -37.16 7.44
CA ARG B 259 4.25 -37.92 7.02
C ARG B 259 4.63 -39.02 6.03
N ALA B 260 5.60 -38.73 5.17
CA ALA B 260 6.09 -39.68 4.16
C ALA B 260 6.86 -40.85 4.79
N ARG B 261 7.58 -40.56 5.86
CA ARG B 261 8.33 -41.59 6.59
C ARG B 261 7.42 -42.48 7.43
N LEU B 262 6.40 -41.86 8.04
CA LEU B 262 5.41 -42.59 8.83
C LEU B 262 4.54 -43.51 7.97
N ALA B 263 4.33 -43.12 6.71
CA ALA B 263 3.53 -43.89 5.76
C ALA B 263 4.22 -45.18 5.28
N GLU B 264 5.52 -45.29 5.55
CA GLU B 264 6.28 -46.51 5.27
C GLU B 264 5.88 -47.64 6.22
N LYS B 265 5.39 -47.26 7.40
CA LYS B 265 4.78 -48.19 8.34
C LYS B 265 3.26 -47.95 8.39
N ARG B 266 2.73 -47.52 7.24
CA ARG B 266 1.32 -47.11 7.07
C ARG B 266 0.69 -46.41 8.28
N ILE B 267 1.40 -45.41 8.80
CA ILE B 267 0.95 -44.63 9.95
C ILE B 267 0.55 -43.22 9.53
N SER B 268 -0.68 -42.82 9.88
CA SER B 268 -1.17 -41.48 9.61
C SER B 268 -0.91 -40.54 10.79
N LEU B 269 -0.75 -39.25 10.48
CA LEU B 269 -0.59 -38.23 11.51
C LEU B 269 -1.54 -37.06 11.24
N GLU B 270 -2.35 -36.73 12.24
CA GLU B 270 -3.32 -35.64 12.15
C GLU B 270 -3.10 -34.66 13.30
N LEU B 271 -3.07 -33.36 12.97
CA LEU B 271 -2.89 -32.32 13.97
C LEU B 271 -4.12 -31.43 14.09
N THR B 272 -4.51 -31.14 15.34
CA THR B 272 -5.67 -30.28 15.61
C THR B 272 -5.31 -28.80 15.48
N GLU B 273 -6.32 -27.95 15.61
CA GLU B 273 -6.15 -26.48 15.51
C GLU B 273 -5.22 -25.97 16.61
N ALA B 274 -5.48 -26.42 17.84
CA ALA B 274 -4.68 -26.01 19.01
C ALA B 274 -3.25 -26.52 18.93
N ALA B 275 -3.07 -27.72 18.36
CA ALA B 275 -1.75 -28.34 18.20
C ALA B 275 -0.81 -27.50 17.34
N LYS B 276 -1.34 -26.93 16.26
CA LYS B 276 -0.57 -26.06 15.38
C LYS B 276 -0.30 -24.70 16.02
N ASP B 277 -1.33 -24.13 16.67
CA ASP B 277 -1.18 -22.88 17.43
C ASP B 277 0.00 -22.98 18.39
N PHE B 278 0.07 -24.10 19.10
CA PHE B 278 1.16 -24.42 20.03
C PHE B 278 2.52 -24.33 19.34
N LEU B 279 2.61 -24.96 18.17
CA LEU B 279 3.85 -24.98 17.39
C LEU B 279 4.18 -23.62 16.80
N ALA B 280 3.14 -22.88 16.42
CA ALA B 280 3.28 -21.52 15.89
C ALA B 280 3.71 -20.54 16.97
N GLU B 281 3.16 -20.71 18.17
CA GLU B 281 3.40 -19.82 19.31
C GLU B 281 4.89 -19.77 19.67
N ARG B 282 5.53 -20.95 19.67
CA ARG B 282 6.94 -21.07 20.03
C ARG B 282 7.84 -21.05 18.80
N GLY B 283 7.27 -21.32 17.64
CA GLY B 283 8.02 -21.38 16.38
C GLY B 283 8.19 -20.06 15.66
N TYR B 284 7.31 -19.10 15.93
CA TYR B 284 7.36 -17.80 15.26
C TYR B 284 7.65 -16.66 16.23
N ASP B 285 8.56 -15.78 15.82
CA ASP B 285 8.81 -14.52 16.53
C ASP B 285 9.04 -13.41 15.48
N PRO B 286 8.74 -12.14 15.84
CA PRO B 286 8.81 -11.06 14.86
C PRO B 286 10.21 -10.80 14.29
N VAL B 287 11.26 -11.19 15.02
CA VAL B 287 12.63 -10.94 14.60
C VAL B 287 13.13 -11.96 13.56
N PHE B 288 13.07 -13.24 13.93
CA PHE B 288 13.61 -14.31 13.07
C PHE B 288 12.54 -15.05 12.24
N GLY B 289 11.29 -14.64 12.36
CA GLY B 289 10.20 -15.21 11.57
C GLY B 289 9.92 -16.66 11.87
N ALA B 290 9.91 -17.47 10.82
CA ALA B 290 9.63 -18.91 10.95
C ALA B 290 10.90 -19.76 10.92
N ARG B 291 12.05 -19.14 11.18
CA ARG B 291 13.33 -19.85 11.26
C ARG B 291 13.38 -20.96 12.32
N PRO B 292 12.92 -20.67 13.57
CA PRO B 292 13.04 -21.69 14.60
C PRO B 292 11.93 -22.75 14.58
N LEU B 293 11.03 -22.67 13.60
CA LEU B 293 9.89 -23.59 13.51
C LEU B 293 10.28 -25.05 13.35
N ARG B 294 11.21 -25.34 12.44
CA ARG B 294 11.69 -26.71 12.21
C ARG B 294 12.23 -27.35 13.50
N ARG B 295 13.04 -26.61 14.24
CA ARG B 295 13.59 -27.07 15.51
C ARG B 295 12.49 -27.26 16.56
N VAL B 296 11.52 -26.36 16.57
CA VAL B 296 10.34 -26.48 17.45
C VAL B 296 9.60 -27.79 17.17
N ILE B 297 9.34 -28.06 15.90
CA ILE B 297 8.71 -29.31 15.46
C ILE B 297 9.54 -30.53 15.85
N GLN B 298 10.87 -30.43 15.68
CA GLN B 298 11.79 -31.51 16.05
C GLN B 298 11.70 -31.86 17.53
N ARG B 299 11.72 -30.83 18.38
CA ARG B 299 11.73 -31.02 19.84
C ARG B 299 10.35 -31.32 20.42
N GLU B 300 9.33 -30.60 19.95
CA GLU B 300 7.99 -30.70 20.51
C GLU B 300 7.16 -31.86 19.97
N LEU B 301 7.47 -32.31 18.75
CA LEU B 301 6.66 -33.34 18.10
C LEU B 301 7.43 -34.63 17.76
N GLU B 302 8.51 -34.50 17.01
CA GLU B 302 9.27 -35.66 16.54
C GLU B 302 9.91 -36.48 17.68
N THR B 303 10.44 -35.77 18.68
CA THR B 303 11.07 -36.39 19.85
C THR B 303 10.11 -37.30 20.64
N PRO B 304 8.97 -36.75 21.13
CA PRO B 304 8.05 -37.63 21.86
C PRO B 304 7.38 -38.68 20.98
N LEU B 305 7.20 -38.38 19.69
CA LEU B 305 6.63 -39.33 18.74
C LEU B 305 7.54 -40.54 18.52
N ALA B 306 8.85 -40.31 18.62
CA ALA B 306 9.82 -41.40 18.56
C ALA B 306 9.69 -42.32 19.76
N GLN B 307 9.50 -41.73 20.94
CA GLN B 307 9.29 -42.48 22.18
C GLN B 307 8.05 -43.36 22.14
N LYS B 308 7.00 -42.87 21.49
CA LYS B 308 5.75 -43.63 21.34
C LYS B 308 5.95 -44.84 20.43
N ILE B 309 6.63 -44.62 19.30
CA ILE B 309 6.90 -45.69 18.32
C ILE B 309 7.82 -46.77 18.89
N LEU B 310 8.78 -46.36 19.73
CA LEU B 310 9.73 -47.30 20.33
C LEU B 310 9.13 -48.09 21.49
N ALA B 311 8.28 -47.44 22.28
CA ALA B 311 7.59 -48.10 23.40
C ALA B 311 6.40 -48.94 22.93
N GLY B 312 6.04 -48.80 21.65
CA GLY B 312 4.96 -49.59 21.06
C GLY B 312 3.59 -49.00 21.24
N GLU B 313 3.53 -47.78 21.78
CA GLU B 313 2.26 -47.07 21.98
C GLU B 313 1.67 -46.58 20.67
N VAL B 314 2.55 -46.32 19.69
CA VAL B 314 2.14 -46.08 18.31
C VAL B 314 2.79 -47.15 17.42
N LYS B 315 1.95 -47.96 16.77
CA LYS B 315 2.43 -49.11 16.01
C LYS B 315 1.97 -49.06 14.54
N GLU B 316 2.58 -49.90 13.71
CA GLU B 316 2.26 -50.02 12.30
C GLU B 316 0.75 -50.08 12.05
N GLY B 317 0.24 -49.13 11.27
CA GLY B 317 -1.17 -49.10 10.91
C GLY B 317 -2.00 -48.04 11.61
N ASP B 318 -1.45 -47.49 12.70
CA ASP B 318 -2.17 -46.54 13.55
C ASP B 318 -2.31 -45.14 12.94
N ARG B 319 -3.50 -44.58 13.06
CA ARG B 319 -3.73 -43.18 12.73
C ARG B 319 -3.60 -42.34 13.99
N VAL B 320 -2.63 -41.42 14.00
CA VAL B 320 -2.28 -40.68 15.22
C VAL B 320 -2.94 -39.30 15.27
N GLN B 321 -3.65 -39.04 16.36
CA GLN B 321 -4.25 -37.75 16.62
C GLN B 321 -3.34 -36.96 17.56
N VAL B 322 -3.02 -35.73 17.18
CA VAL B 322 -2.14 -34.86 17.97
C VAL B 322 -2.91 -33.63 18.46
N ASP B 323 -2.78 -33.35 19.76
CA ASP B 323 -3.48 -32.23 20.40
C ASP B 323 -2.59 -31.55 21.46
N VAL B 324 -3.13 -30.57 22.16
CA VAL B 324 -2.40 -29.82 23.18
C VAL B 324 -2.68 -30.33 24.59
N GLY B 325 -1.60 -30.54 25.36
CA GLY B 325 -1.70 -30.86 26.78
C GLY B 325 -1.00 -29.80 27.62
N PRO B 326 -1.18 -29.86 28.95
CA PRO B 326 -0.59 -28.90 29.89
C PRO B 326 0.94 -28.95 29.96
N ALA B 327 1.53 -30.05 29.50
CA ALA B 327 2.99 -30.22 29.49
C ALA B 327 3.57 -29.95 28.10
N GLY B 328 2.91 -30.49 27.08
CA GLY B 328 3.33 -30.32 25.69
C GLY B 328 2.27 -30.86 24.75
N LEU B 329 2.70 -31.59 23.72
CA LEU B 329 1.79 -32.18 22.75
C LEU B 329 1.48 -33.64 23.10
N VAL B 330 0.21 -34.01 22.98
CA VAL B 330 -0.25 -35.36 23.34
C VAL B 330 -0.63 -36.20 22.10
N PHE B 331 -0.58 -37.53 22.26
CA PHE B 331 -0.82 -38.45 21.15
C PHE B 331 -1.88 -39.49 21.51
N ALA B 332 -2.94 -39.53 20.71
CA ALA B 332 -3.98 -40.55 20.86
C ALA B 332 -4.13 -41.33 19.56
N VAL B 333 -4.69 -42.53 19.65
CA VAL B 333 -4.87 -43.40 18.48
C VAL B 333 -6.22 -44.12 18.50
N PRO B 334 -7.19 -43.64 17.69
CA PRO B 334 -8.50 -44.27 17.58
N LEU C 34 -34.24 0.35 -0.90
CA LEU C 34 -34.27 -0.92 -0.11
C LEU C 34 -33.34 -1.99 -0.70
N LEU C 35 -33.23 -2.00 -2.02
CA LEU C 35 -32.36 -2.94 -2.75
C LEU C 35 -30.89 -2.78 -2.37
N ARG C 36 -30.42 -1.54 -2.34
CA ARG C 36 -29.04 -1.24 -1.98
C ARG C 36 -28.96 -0.68 -0.57
N LEU C 37 -29.54 -1.42 0.38
CA LEU C 37 -29.56 -1.02 1.78
C LEU C 37 -28.16 -0.98 2.39
N GLU C 38 -27.30 -1.90 1.96
CA GLU C 38 -25.90 -1.93 2.39
C GLU C 38 -25.18 -0.60 2.09
N GLU C 39 -25.18 -0.21 0.81
CA GLU C 39 -24.48 1.01 0.38
C GLU C 39 -25.07 2.28 0.99
N GLU C 40 -26.34 2.23 1.36
CA GLU C 40 -27.02 3.36 2.00
C GLU C 40 -26.61 3.51 3.45
N LEU C 41 -26.41 2.37 4.13
CA LEU C 41 -25.98 2.36 5.53
C LEU C 41 -24.49 2.67 5.67
N HIS C 42 -23.72 2.42 4.61
CA HIS C 42 -22.29 2.70 4.60
C HIS C 42 -21.98 4.19 4.42
N LYS C 43 -23.00 4.98 4.10
CA LYS C 43 -22.88 6.43 4.01
C LYS C 43 -22.45 7.02 5.34
N ARG C 44 -22.97 6.46 6.43
CA ARG C 44 -22.68 6.93 7.78
C ARG C 44 -21.82 5.97 8.60
N VAL C 45 -21.96 4.67 8.33
CA VAL C 45 -21.25 3.66 9.10
C VAL C 45 -20.10 3.04 8.30
N VAL C 46 -18.89 3.15 8.84
CA VAL C 46 -17.68 2.65 8.18
C VAL C 46 -17.31 1.28 8.74
N GLY C 47 -16.97 0.36 7.84
CA GLY C 47 -16.56 -0.98 8.22
C GLY C 47 -17.74 -1.84 8.62
N GLN C 48 -17.48 -2.83 9.48
CA GLN C 48 -18.49 -3.76 9.97
C GLN C 48 -19.34 -4.31 8.82
N ASP C 49 -18.67 -4.74 7.75
CA ASP C 49 -19.32 -5.19 6.52
C ASP C 49 -20.28 -6.36 6.77
N GLU C 50 -19.84 -7.31 7.59
CA GLU C 50 -20.64 -8.49 7.92
C GLU C 50 -21.82 -8.12 8.83
N ALA C 51 -21.60 -7.15 9.71
CA ALA C 51 -22.62 -6.67 10.63
C ALA C 51 -23.78 -6.03 9.89
N ILE C 52 -23.45 -5.13 8.96
CA ILE C 52 -24.44 -4.41 8.16
C ILE C 52 -25.21 -5.34 7.22
N ARG C 53 -24.48 -6.25 6.56
CA ARG C 53 -25.10 -7.25 5.69
C ARG C 53 -26.10 -8.14 6.44
N ALA C 54 -25.74 -8.52 7.67
CA ALA C 54 -26.61 -9.33 8.52
C ALA C 54 -27.90 -8.59 8.90
N VAL C 55 -27.76 -7.30 9.20
CA VAL C 55 -28.91 -6.45 9.50
C VAL C 55 -29.77 -6.24 8.25
N ALA C 56 -29.11 -6.13 7.10
CA ALA C 56 -29.76 -5.91 5.82
C ALA C 56 -30.51 -7.15 5.33
N ASP C 57 -29.85 -8.31 5.39
CA ASP C 57 -30.44 -9.57 4.97
C ASP C 57 -31.74 -9.84 5.71
N ALA C 58 -31.76 -9.50 7.00
CA ALA C 58 -32.92 -9.74 7.86
C ALA C 58 -34.11 -8.84 7.54
N ILE C 59 -33.85 -7.53 7.43
CA ILE C 59 -34.91 -6.55 7.14
C ILE C 59 -35.55 -6.81 5.77
N ARG C 60 -34.73 -7.27 4.82
CA ARG C 60 -35.21 -7.66 3.49
C ARG C 60 -36.16 -8.87 3.53
N ARG C 61 -35.87 -9.82 4.41
CA ARG C 61 -36.72 -11.01 4.57
C ARG C 61 -38.11 -10.67 5.11
N ALA C 62 -38.19 -9.63 5.93
CA ALA C 62 -39.45 -9.17 6.50
C ALA C 62 -40.34 -8.48 5.46
N ARG C 63 -39.70 -7.68 4.61
CA ARG C 63 -40.41 -6.95 3.54
C ARG C 63 -40.91 -7.88 2.44
N ALA C 64 -40.16 -8.95 2.19
CA ALA C 64 -40.54 -9.96 1.22
C ALA C 64 -41.73 -10.79 1.69
N GLY C 65 -41.96 -10.79 3.00
CA GLY C 65 -43.04 -11.55 3.61
C GLY C 65 -42.66 -12.99 3.89
N LEU C 66 -41.38 -13.23 4.12
CA LEU C 66 -40.86 -14.57 4.42
C LEU C 66 -40.86 -14.85 5.91
N LYS C 67 -41.18 -13.84 6.71
CA LYS C 67 -41.11 -13.92 8.16
C LYS C 67 -42.48 -13.88 8.83
N ASP C 68 -42.49 -14.12 10.14
CA ASP C 68 -43.70 -14.05 10.95
C ASP C 68 -44.16 -12.59 11.06
N PRO C 69 -45.40 -12.30 10.63
CA PRO C 69 -45.97 -10.95 10.66
C PRO C 69 -46.14 -10.40 12.07
N ASN C 70 -46.37 -11.29 13.04
CA ASN C 70 -46.52 -10.92 14.44
C ASN C 70 -45.17 -10.89 15.18
N ARG C 71 -44.17 -10.35 14.50
CA ARG C 71 -42.84 -10.14 15.07
C ARG C 71 -42.30 -8.82 14.57
N PRO C 72 -41.38 -8.20 15.31
CA PRO C 72 -40.72 -6.98 14.83
C PRO C 72 -40.00 -7.23 13.51
N ILE C 73 -39.82 -6.17 12.73
CA ILE C 73 -39.12 -6.25 11.44
C ILE C 73 -37.77 -6.95 11.59
N GLY C 74 -37.03 -6.58 12.63
CA GLY C 74 -35.75 -7.19 12.95
C GLY C 74 -35.46 -7.22 14.43
N SER C 75 -34.76 -8.26 14.87
CA SER C 75 -34.26 -8.33 16.24
C SER C 75 -32.84 -8.87 16.24
N PHE C 76 -31.91 -8.05 16.73
CA PHE C 76 -30.48 -8.37 16.68
C PHE C 76 -29.80 -8.23 18.03
N LEU C 77 -28.76 -9.02 18.24
CA LEU C 77 -27.87 -8.84 19.38
C LEU C 77 -26.52 -8.32 18.91
N PHE C 78 -26.28 -7.03 19.19
CA PHE C 78 -25.04 -6.36 18.81
C PHE C 78 -23.99 -6.63 19.88
N LEU C 79 -22.88 -7.23 19.46
CA LEU C 79 -21.79 -7.56 20.37
C LEU C 79 -20.49 -6.91 19.90
N GLY C 80 -19.51 -6.86 20.79
CA GLY C 80 -18.20 -6.31 20.45
C GLY C 80 -17.78 -5.13 21.32
N PRO C 81 -16.64 -4.49 20.96
CA PRO C 81 -16.07 -3.39 21.73
C PRO C 81 -16.91 -2.11 21.69
N THR C 82 -16.60 -1.18 22.58
CA THR C 82 -17.30 0.09 22.68
C THR C 82 -16.84 1.06 21.60
N GLY C 83 -17.76 1.89 21.11
CA GLY C 83 -17.45 2.99 20.19
C GLY C 83 -16.93 2.60 18.82
N VAL C 84 -17.57 1.60 18.20
CA VAL C 84 -17.14 1.10 16.89
C VAL C 84 -18.26 1.07 15.85
N GLY C 85 -19.46 1.53 16.23
CA GLY C 85 -20.55 1.71 15.28
C GLY C 85 -21.91 1.14 15.67
N GLN C 86 -22.07 0.77 16.93
CA GLN C 86 -23.31 0.15 17.40
C GLN C 86 -24.49 1.12 17.47
N THR C 87 -24.35 2.21 18.23
CA THR C 87 -25.39 3.24 18.31
C THR C 87 -25.55 3.94 16.96
N GLU C 88 -24.43 4.13 16.27
CA GLU C 88 -24.38 4.78 14.97
C GLU C 88 -25.18 4.01 13.91
N LEU C 89 -25.11 2.69 13.94
CA LEU C 89 -25.87 1.86 13.00
C LEU C 89 -27.36 1.88 13.32
N ALA C 90 -27.70 1.88 14.61
CA ALA C 90 -29.08 1.99 15.06
C ALA C 90 -29.69 3.34 14.69
N LYS C 91 -28.87 4.39 14.73
CA LYS C 91 -29.28 5.73 14.32
C LYS C 91 -29.45 5.84 12.80
N THR C 92 -28.48 5.31 12.06
CA THR C 92 -28.51 5.32 10.60
C THR C 92 -29.66 4.47 10.06
N LEU C 93 -29.93 3.35 10.73
CA LEU C 93 -31.04 2.48 10.37
C LEU C 93 -32.36 3.22 10.49
N ALA C 94 -32.53 3.93 11.62
CA ALA C 94 -33.71 4.73 11.87
C ALA C 94 -33.86 5.88 10.87
N ALA C 95 -32.72 6.40 10.41
CA ALA C 95 -32.69 7.45 9.40
C ALA C 95 -33.06 6.93 8.01
N THR C 96 -32.61 5.72 7.70
CA THR C 96 -32.83 5.13 6.38
C THR C 96 -34.20 4.46 6.28
N LEU C 97 -34.59 3.73 7.33
CA LEU C 97 -35.88 3.04 7.35
C LEU C 97 -37.07 3.97 7.60
N PHE C 98 -36.90 4.95 8.47
CA PHE C 98 -38.02 5.80 8.92
C PHE C 98 -37.83 7.31 8.72
N ASP C 99 -36.88 7.68 7.85
CA ASP C 99 -36.67 9.06 7.37
C ASP C 99 -36.06 10.06 8.38
N THR C 100 -35.96 9.68 9.65
CA THR C 100 -35.44 10.57 10.69
C THR C 100 -34.66 9.87 11.80
N GLU C 101 -33.60 10.53 12.29
CA GLU C 101 -32.80 10.04 13.43
C GLU C 101 -33.62 9.95 14.72
N GLU C 102 -34.62 10.82 14.83
CA GLU C 102 -35.50 10.89 16.00
C GLU C 102 -36.18 9.56 16.34
N ALA C 103 -36.32 8.70 15.33
CA ALA C 103 -37.01 7.41 15.47
C ALA C 103 -36.26 6.35 16.28
N MET C 104 -35.08 6.71 16.79
CA MET C 104 -34.36 5.78 17.66
C MET C 104 -34.70 6.03 19.12
N ILE C 105 -35.22 4.99 19.77
CA ILE C 105 -35.51 5.05 21.21
C ILE C 105 -34.45 4.23 21.95
N ARG C 106 -33.62 4.92 22.73
CA ARG C 106 -32.55 4.27 23.48
C ARG C 106 -32.97 3.99 24.92
N ILE C 107 -32.82 2.73 25.33
CA ILE C 107 -33.16 2.31 26.69
C ILE C 107 -31.92 1.71 27.38
N ASP C 108 -31.38 2.45 28.35
CA ASP C 108 -30.21 2.01 29.10
C ASP C 108 -30.64 1.10 30.24
N MET C 109 -30.20 -0.16 30.18
CA MET C 109 -30.63 -1.16 31.17
C MET C 109 -29.94 -1.01 32.53
N THR C 110 -28.88 -0.19 32.59
CA THR C 110 -28.23 0.16 33.85
C THR C 110 -29.14 1.04 34.72
N GLU C 111 -30.21 1.55 34.11
CA GLU C 111 -31.24 2.30 34.82
C GLU C 111 -32.46 1.41 35.09
N TYR C 112 -32.35 0.12 34.78
CA TYR C 112 -33.42 -0.84 34.98
C TYR C 112 -32.93 -2.10 35.70
N MET C 113 -32.17 -1.92 36.77
CA MET C 113 -31.57 -3.03 37.51
C MET C 113 -32.37 -3.45 38.74
N GLU C 114 -33.04 -2.50 39.38
CA GLU C 114 -33.82 -2.77 40.59
C GLU C 114 -35.11 -3.53 40.28
N LYS C 115 -35.76 -4.04 41.33
CA LYS C 115 -37.01 -4.81 41.20
C LYS C 115 -38.11 -4.03 40.45
N HIS C 116 -38.35 -2.79 40.87
CA HIS C 116 -39.42 -1.97 40.30
C HIS C 116 -38.97 -1.19 39.06
N ALA C 117 -38.16 -1.84 38.22
CA ALA C 117 -37.75 -1.29 36.94
C ALA C 117 -38.79 -1.62 35.88
N VAL C 118 -39.52 -2.71 36.10
CA VAL C 118 -40.65 -3.10 35.25
C VAL C 118 -41.72 -2.02 35.24
N SER C 119 -41.96 -1.43 36.42
CA SER C 119 -42.95 -0.36 36.58
C SER C 119 -42.49 0.96 35.97
N ARG C 120 -41.26 0.98 35.45
CA ARG C 120 -40.75 2.12 34.71
C ARG C 120 -40.90 1.89 33.21
N LEU C 121 -40.86 0.63 32.79
CA LEU C 121 -41.07 0.25 31.39
C LEU C 121 -42.54 0.32 30.98
N ILE C 122 -43.37 -0.48 31.66
CA ILE C 122 -44.79 -0.59 31.31
C ILE C 122 -45.69 0.40 32.07
N GLY C 123 -45.13 1.02 33.11
CA GLY C 123 -45.85 2.03 33.88
C GLY C 123 -46.19 1.61 35.30
N ALA C 124 -46.51 2.58 36.14
CA ALA C 124 -46.86 2.35 37.54
C ALA C 124 -48.18 1.57 37.67
N PRO C 125 -48.22 0.57 38.57
CA PRO C 125 -49.43 -0.22 38.85
C PRO C 125 -50.60 0.64 39.30
N PRO C 126 -51.85 0.18 39.05
CA PRO C 126 -53.07 0.94 39.37
C PRO C 126 -53.12 1.46 40.80
N GLY C 127 -53.66 2.66 40.97
CA GLY C 127 -53.76 3.31 42.27
C GLY C 127 -52.70 4.37 42.49
N GLY C 134 -47.53 7.58 31.76
CA GLY C 134 -47.56 6.14 31.49
C GLY C 134 -46.24 5.47 31.80
N GLY C 135 -45.73 4.69 30.84
CA GLY C 135 -44.45 3.99 30.97
C GLY C 135 -43.42 4.49 29.96
N GLN C 136 -42.14 4.33 30.30
CA GLN C 136 -41.04 4.88 29.50
C GLN C 136 -40.95 4.29 28.09
N LEU C 137 -41.02 2.97 27.98
CA LEU C 137 -40.90 2.29 26.68
C LEU C 137 -42.23 2.21 25.95
N THR C 138 -43.30 1.93 26.69
CA THR C 138 -44.62 1.70 26.12
C THR C 138 -45.24 2.96 25.50
N GLU C 139 -45.05 4.10 26.15
CA GLU C 139 -45.52 5.39 25.63
C GLU C 139 -44.71 5.82 24.41
N ALA C 140 -43.43 5.47 24.41
CA ALA C 140 -42.51 5.78 23.31
C ALA C 140 -42.89 5.08 22.01
N VAL C 141 -43.41 3.87 22.12
CA VAL C 141 -43.80 3.08 20.94
C VAL C 141 -45.26 3.34 20.54
N ARG C 142 -46.04 3.85 21.48
CA ARG C 142 -47.43 4.23 21.20
C ARG C 142 -47.47 5.42 20.22
N ARG C 143 -46.58 6.38 20.42
CA ARG C 143 -46.51 7.57 19.57
C ARG C 143 -45.55 7.45 18.39
N ARG C 144 -44.58 6.53 18.50
CA ARG C 144 -43.69 6.19 17.38
C ARG C 144 -43.81 4.71 16.98
N PRO C 145 -44.76 4.40 16.07
CA PRO C 145 -45.01 3.02 15.64
C PRO C 145 -43.87 2.44 14.81
N TYR C 146 -43.27 3.30 13.99
CA TYR C 146 -42.14 2.91 13.14
C TYR C 146 -40.85 3.43 13.78
N SER C 147 -40.23 2.61 14.62
CA SER C 147 -39.05 3.04 15.37
C SER C 147 -38.03 1.92 15.64
N VAL C 148 -36.76 2.28 15.62
CA VAL C 148 -35.69 1.39 16.06
C VAL C 148 -35.53 1.57 17.58
N ILE C 149 -35.55 0.46 18.31
CA ILE C 149 -35.41 0.51 19.77
C ILE C 149 -34.11 -0.12 20.22
N LEU C 150 -33.32 0.63 20.98
CA LEU C 150 -32.00 0.18 21.44
C LEU C 150 -31.99 -0.12 22.93
N PHE C 151 -31.67 -1.37 23.27
CA PHE C 151 -31.51 -1.80 24.65
C PHE C 151 -30.03 -1.98 24.97
N ASP C 152 -29.46 -1.06 25.74
CA ASP C 152 -28.03 -1.08 26.07
C ASP C 152 -27.70 -1.94 27.28
N GLU C 153 -26.80 -2.91 27.09
CA GLU C 153 -26.31 -3.80 28.15
C GLU C 153 -27.44 -4.62 28.81
N ILE C 154 -27.98 -5.57 28.04
CA ILE C 154 -29.14 -6.39 28.49
C ILE C 154 -28.82 -7.37 29.62
N GLU C 155 -27.54 -7.68 29.81
CA GLU C 155 -27.08 -8.55 30.89
C GLU C 155 -27.25 -7.91 32.27
N LYS C 156 -27.33 -6.58 32.29
CA LYS C 156 -27.47 -5.82 33.53
C LYS C 156 -28.93 -5.79 33.99
N ALA C 157 -29.85 -5.98 33.05
CA ALA C 157 -31.29 -5.91 33.31
C ALA C 157 -31.76 -6.90 34.37
N HIS C 158 -32.79 -6.51 35.12
CA HIS C 158 -33.42 -7.36 36.11
C HIS C 158 -34.15 -8.52 35.41
N PRO C 159 -34.11 -9.73 36.02
CA PRO C 159 -34.82 -10.90 35.47
C PRO C 159 -36.27 -10.63 35.04
N ASP C 160 -37.03 -9.91 35.87
CA ASP C 160 -38.41 -9.55 35.57
C ASP C 160 -38.53 -8.69 34.31
N VAL C 161 -37.61 -7.74 34.17
CA VAL C 161 -37.53 -6.85 33.01
C VAL C 161 -37.23 -7.65 31.74
N PHE C 162 -36.45 -8.70 31.89
CA PHE C 162 -36.04 -9.56 30.78
C PHE C 162 -37.19 -10.39 30.20
N ASN C 163 -38.14 -10.77 31.07
CA ASN C 163 -39.32 -11.53 30.65
C ASN C 163 -40.27 -10.73 29.76
N ILE C 164 -40.33 -9.42 30.00
CA ILE C 164 -41.11 -8.48 29.19
C ILE C 164 -40.48 -8.31 27.80
N LEU C 165 -39.15 -8.38 27.77
CA LEU C 165 -38.37 -8.28 26.54
C LEU C 165 -38.69 -9.43 25.58
N LEU C 166 -38.93 -10.61 26.15
CA LEU C 166 -39.31 -11.81 25.39
C LEU C 166 -40.62 -11.65 24.63
N GLN C 167 -41.62 -11.03 25.26
CA GLN C 167 -42.95 -10.88 24.68
C GLN C 167 -42.96 -10.11 23.36
N ILE C 168 -42.05 -9.15 23.23
CA ILE C 168 -41.89 -8.39 21.98
C ILE C 168 -41.36 -9.30 20.87
N LEU C 169 -40.43 -10.19 21.22
CA LEU C 169 -39.82 -11.11 20.27
C LEU C 169 -40.76 -12.24 19.83
N ASP C 170 -41.71 -12.60 20.69
CA ASP C 170 -42.70 -13.63 20.38
C ASP C 170 -43.98 -13.04 19.79
N ASP C 171 -44.73 -12.32 20.62
CA ASP C 171 -46.04 -11.76 20.25
C ASP C 171 -45.95 -10.51 19.39
N GLY C 172 -44.89 -9.73 19.59
CA GLY C 172 -44.72 -8.45 18.90
C GLY C 172 -45.65 -7.37 19.44
N ARG C 173 -46.08 -7.54 20.68
CA ARG C 173 -47.05 -6.65 21.34
C ARG C 173 -46.94 -6.71 22.86
N LEU C 174 -47.23 -5.59 23.54
CA LEU C 174 -47.18 -5.51 24.99
C LEU C 174 -48.40 -4.83 25.60
N THR C 175 -48.83 -5.32 26.76
CA THR C 175 -49.97 -4.75 27.48
C THR C 175 -49.50 -3.84 28.62
N ASP C 176 -50.07 -2.64 28.68
CA ASP C 176 -49.66 -1.61 29.64
C ASP C 176 -50.38 -1.71 30.98
N SER C 177 -50.03 -0.81 31.89
CA SER C 177 -50.70 -0.66 33.18
C SER C 177 -52.17 -0.29 32.99
N HIS C 178 -52.44 0.55 31.99
CA HIS C 178 -53.80 0.97 31.67
C HIS C 178 -54.56 -0.05 30.82
N GLY C 179 -53.84 -1.09 30.37
CA GLY C 179 -54.47 -2.23 29.70
C GLY C 179 -54.44 -2.20 28.18
N ARG C 180 -54.11 -1.04 27.61
CA ARG C 180 -54.06 -0.88 26.15
C ARG C 180 -52.79 -1.51 25.57
N THR C 181 -52.97 -2.36 24.56
CA THR C 181 -51.87 -3.12 23.97
C THR C 181 -51.08 -2.32 22.93
N VAL C 182 -49.80 -2.11 23.21
CA VAL C 182 -48.89 -1.37 22.33
C VAL C 182 -48.32 -2.28 21.26
N ASP C 183 -48.30 -1.80 20.01
CA ASP C 183 -47.88 -2.60 18.87
C ASP C 183 -46.39 -2.43 18.55
N PHE C 184 -45.69 -3.55 18.50
CA PHE C 184 -44.25 -3.57 18.20
C PHE C 184 -43.95 -4.17 16.82
N ARG C 185 -44.98 -4.61 16.12
CA ARG C 185 -44.84 -5.33 14.85
C ARG C 185 -44.07 -4.57 13.76
N ASN C 186 -44.01 -3.25 13.89
CA ASN C 186 -43.32 -2.39 12.93
C ASN C 186 -42.01 -1.79 13.43
N THR C 187 -41.57 -2.21 14.61
CA THR C 187 -40.31 -1.75 15.18
C THR C 187 -39.14 -2.66 14.80
N VAL C 188 -37.93 -2.10 14.85
CA VAL C 188 -36.72 -2.90 14.70
C VAL C 188 -36.00 -2.92 16.05
N ILE C 189 -35.81 -4.11 16.60
CA ILE C 189 -35.29 -4.27 17.95
C ILE C 189 -33.79 -4.56 17.94
N ILE C 190 -33.02 -3.76 18.68
CA ILE C 190 -31.58 -3.95 18.80
C ILE C 190 -31.14 -4.01 20.27
N LEU C 191 -30.58 -5.14 20.65
CA LEU C 191 -30.05 -5.34 22.00
C LEU C 191 -28.53 -5.39 21.93
N THR C 192 -27.87 -4.75 22.89
CA THR C 192 -26.41 -4.76 22.94
C THR C 192 -25.92 -5.43 24.22
N SER C 193 -24.73 -6.01 24.16
CA SER C 193 -24.10 -6.60 25.34
C SER C 193 -22.59 -6.44 25.32
N ASN C 194 -22.02 -6.12 26.47
CA ASN C 194 -20.58 -6.05 26.64
C ASN C 194 -19.97 -7.43 26.89
N LEU C 195 -20.84 -8.43 27.05
CA LEU C 195 -20.43 -9.82 27.20
C LEU C 195 -20.02 -10.42 25.86
N GLY C 196 -18.97 -11.24 25.89
CA GLY C 196 -18.50 -11.92 24.68
C GLY C 196 -17.39 -11.19 23.95
N SER C 197 -17.22 -9.91 24.25
CA SER C 197 -16.17 -9.09 23.63
C SER C 197 -14.74 -9.52 23.97
N PRO C 198 -14.47 -9.97 25.22
CA PRO C 198 -13.14 -10.53 25.51
C PRO C 198 -12.76 -11.70 24.58
N LEU C 199 -13.75 -12.46 24.12
CA LEU C 199 -13.52 -13.54 23.17
C LEU C 199 -13.36 -13.01 21.74
N ILE C 200 -14.03 -11.90 21.45
CA ILE C 200 -13.93 -11.25 20.14
C ILE C 200 -12.51 -10.70 19.92
N LEU C 201 -11.99 -9.97 20.92
CA LEU C 201 -10.60 -9.48 20.88
C LEU C 201 -9.61 -10.63 20.70
N GLU C 202 -9.87 -11.74 21.38
CA GLU C 202 -9.05 -12.95 21.29
C GLU C 202 -9.12 -13.60 19.90
N GLY C 203 -10.34 -13.66 19.35
CA GLY C 203 -10.59 -14.28 18.05
C GLY C 203 -9.91 -13.58 16.90
N LEU C 204 -9.88 -12.24 16.94
CA LEU C 204 -9.18 -11.44 15.94
C LEU C 204 -7.67 -11.54 16.09
N GLN C 205 -7.20 -11.61 17.35
CA GLN C 205 -5.78 -11.82 17.66
C GLN C 205 -5.26 -13.13 17.04
N LYS C 206 -6.14 -14.14 17.03
CA LYS C 206 -5.82 -15.45 16.47
C LYS C 206 -6.27 -15.57 15.00
N GLY C 207 -6.81 -14.47 14.47
CA GLY C 207 -7.16 -14.38 13.05
C GLY C 207 -8.31 -15.26 12.60
N TRP C 208 -9.24 -15.54 13.50
CA TRP C 208 -10.43 -16.33 13.17
C TRP C 208 -11.34 -15.56 12.22
N PRO C 209 -11.94 -16.27 11.24
CA PRO C 209 -12.91 -15.63 10.34
C PRO C 209 -14.22 -15.29 11.05
N TYR C 210 -14.93 -14.29 10.53
CA TYR C 210 -16.16 -13.78 11.16
C TYR C 210 -17.13 -14.86 11.60
N GLU C 211 -17.37 -15.84 10.73
CA GLU C 211 -18.40 -16.84 10.94
C GLU C 211 -18.11 -17.80 12.09
N ARG C 212 -16.84 -18.09 12.35
CA ARG C 212 -16.49 -18.94 13.48
C ARG C 212 -16.45 -18.16 14.79
N ILE C 213 -16.19 -16.86 14.71
CA ILE C 213 -16.29 -15.97 15.88
C ILE C 213 -17.75 -15.91 16.35
N ARG C 214 -18.67 -15.76 15.41
CA ARG C 214 -20.11 -15.79 15.73
C ARG C 214 -20.49 -17.06 16.47
N ASP C 215 -19.98 -18.21 16.00
CA ASP C 215 -20.24 -19.51 16.63
C ASP C 215 -19.61 -19.63 18.01
N GLU C 216 -18.39 -19.09 18.16
CA GLU C 216 -17.67 -19.16 19.43
C GLU C 216 -18.29 -18.25 20.49
N VAL C 217 -18.70 -17.05 20.08
CA VAL C 217 -19.35 -16.10 20.98
C VAL C 217 -20.76 -16.56 21.34
N PHE C 218 -21.44 -17.18 20.37
CA PHE C 218 -22.76 -17.78 20.59
C PHE C 218 -22.72 -18.82 21.70
N LYS C 219 -21.64 -19.59 21.76
CA LYS C 219 -21.45 -20.62 22.78
C LYS C 219 -21.20 -20.02 24.16
N VAL C 220 -20.64 -18.81 24.16
CA VAL C 220 -20.42 -18.06 25.41
C VAL C 220 -21.73 -17.47 25.90
N LEU C 221 -22.55 -17.01 24.95
CA LEU C 221 -23.84 -16.38 25.24
C LEU C 221 -24.87 -17.35 25.83
N GLN C 222 -24.75 -18.63 25.46
CA GLN C 222 -25.66 -19.67 25.93
C GLN C 222 -25.56 -19.94 27.44
N GLN C 223 -24.69 -19.20 28.11
CA GLN C 223 -24.44 -19.37 29.54
C GLN C 223 -24.86 -18.16 30.38
N HIS C 224 -25.47 -17.17 29.72
CA HIS C 224 -25.99 -15.98 30.41
C HIS C 224 -27.45 -15.74 30.06
N PHE C 225 -27.77 -15.97 28.79
CA PHE C 225 -29.15 -15.96 28.32
C PHE C 225 -29.52 -17.38 27.92
N ARG C 226 -30.79 -17.73 28.05
CA ARG C 226 -31.24 -19.07 27.71
C ARG C 226 -31.38 -19.26 26.20
N PRO C 227 -31.06 -20.47 25.69
CA PRO C 227 -31.25 -20.85 24.30
C PRO C 227 -32.68 -20.60 23.79
N GLU C 228 -33.63 -20.50 24.71
CA GLU C 228 -35.00 -20.12 24.38
C GLU C 228 -35.07 -18.68 23.89
N PHE C 229 -34.23 -17.81 24.47
CA PHE C 229 -34.21 -16.38 24.12
C PHE C 229 -33.34 -16.07 22.91
N LEU C 230 -32.15 -16.66 22.87
CA LEU C 230 -31.17 -16.37 21.81
C LEU C 230 -31.70 -16.77 20.43
N ASN C 231 -32.42 -17.89 20.39
CA ASN C 231 -32.96 -18.40 19.13
C ASN C 231 -34.16 -17.60 18.62
N ARG C 232 -34.75 -16.78 19.48
CA ARG C 232 -35.86 -15.90 19.08
C ARG C 232 -35.36 -14.66 18.33
N LEU C 233 -34.04 -14.48 18.30
CA LEU C 233 -33.40 -13.38 17.58
C LEU C 233 -33.18 -13.75 16.12
N ASP C 234 -33.08 -12.73 15.27
CA ASP C 234 -32.79 -12.93 13.84
C ASP C 234 -31.33 -13.27 13.62
N GLU C 235 -30.43 -12.41 14.07
CA GLU C 235 -28.99 -12.65 13.97
C GLU C 235 -28.20 -12.10 15.16
N ILE C 236 -27.08 -12.75 15.45
CA ILE C 236 -26.10 -12.26 16.43
C ILE C 236 -24.98 -11.57 15.66
N VAL C 237 -24.75 -10.30 16.00
CA VAL C 237 -23.88 -9.43 15.22
C VAL C 237 -22.58 -9.12 15.96
N VAL C 238 -21.45 -9.35 15.29
CA VAL C 238 -20.13 -9.10 15.87
C VAL C 238 -19.46 -7.87 15.25
N PHE C 239 -19.21 -6.87 16.08
CA PHE C 239 -18.53 -5.65 15.67
C PHE C 239 -17.03 -5.75 15.90
N ARG C 240 -16.26 -5.30 14.94
CA ARG C 240 -14.80 -5.37 15.01
C ARG C 240 -14.20 -4.09 15.57
N PRO C 241 -12.98 -4.16 16.13
CA PRO C 241 -12.19 -2.95 16.35
C PRO C 241 -11.83 -2.32 15.01
N LEU C 242 -11.73 -1.00 14.98
CA LEU C 242 -11.51 -0.27 13.73
C LEU C 242 -10.04 -0.17 13.36
N THR C 243 -9.77 -0.09 12.05
CA THR C 243 -8.42 0.06 11.53
C THR C 243 -8.12 1.53 11.29
N LYS C 244 -6.84 1.87 11.14
CA LYS C 244 -6.41 3.25 10.91
C LYS C 244 -7.09 3.89 9.70
N GLU C 245 -7.16 3.12 8.60
CA GLU C 245 -7.84 3.55 7.37
C GLU C 245 -9.31 3.88 7.64
N GLN C 246 -9.97 3.00 8.40
CA GLN C 246 -11.38 3.16 8.74
C GLN C 246 -11.66 4.39 9.61
N ILE C 247 -10.78 4.66 10.57
CA ILE C 247 -10.91 5.82 11.45
C ILE C 247 -10.72 7.10 10.63
N ARG C 248 -9.77 7.06 9.70
CA ARG C 248 -9.55 8.13 8.73
C ARG C 248 -10.83 8.42 7.93
N GLN C 249 -11.51 7.35 7.51
CA GLN C 249 -12.79 7.47 6.79
C GLN C 249 -13.92 7.98 7.68
N ILE C 250 -13.84 7.70 8.98
CA ILE C 250 -14.78 8.24 9.96
C ILE C 250 -14.56 9.74 10.15
N VAL C 251 -13.29 10.16 10.21
CA VAL C 251 -12.95 11.59 10.30
C VAL C 251 -13.62 12.38 9.17
N GLU C 252 -13.54 11.87 7.95
CA GLU C 252 -14.16 12.51 6.79
C GLU C 252 -15.69 12.67 6.91
N ILE C 253 -16.35 11.68 7.50
CA ILE C 253 -17.80 11.72 7.70
C ILE C 253 -18.18 12.72 8.78
N GLN C 254 -17.43 12.73 9.90
CA GLN C 254 -17.69 13.67 11.00
C GLN C 254 -17.59 15.13 10.55
N LEU C 255 -16.89 15.37 9.45
CA LEU C 255 -16.69 16.72 8.93
C LEU C 255 -17.79 17.15 7.95
N SER C 256 -18.85 16.35 7.83
CA SER C 256 -19.96 16.65 6.92
C SER C 256 -20.64 17.97 7.26
N TYR C 257 -21.06 18.12 8.51
CA TYR C 257 -21.76 19.33 8.96
C TYR C 257 -20.86 20.56 8.93
N LEU C 258 -19.60 20.39 9.29
CA LEU C 258 -18.62 21.46 9.26
C LEU C 258 -18.41 22.00 7.83
N ARG C 259 -18.30 21.07 6.87
CA ARG C 259 -18.17 21.43 5.46
C ARG C 259 -19.46 22.04 4.92
N ALA C 260 -20.60 21.62 5.47
CA ALA C 260 -21.91 22.16 5.10
C ALA C 260 -22.08 23.60 5.59
N ARG C 261 -21.48 23.91 6.73
CA ARG C 261 -21.54 25.25 7.32
C ARG C 261 -20.55 26.20 6.66
N LEU C 262 -19.41 25.66 6.22
CA LEU C 262 -18.41 26.43 5.50
C LEU C 262 -18.87 26.75 4.08
N ALA C 263 -19.54 25.79 3.45
CA ALA C 263 -20.02 25.93 2.07
C ALA C 263 -20.99 27.10 1.88
N GLU C 264 -21.68 27.49 2.95
CA GLU C 264 -22.59 28.65 2.93
C GLU C 264 -21.82 29.96 2.70
N LYS C 265 -20.53 29.93 3.03
CA LYS C 265 -19.62 31.04 2.74
C LYS C 265 -18.58 30.62 1.70
N ARG C 266 -18.95 29.63 0.88
CA ARG C 266 -18.11 29.08 -0.20
C ARG C 266 -16.68 28.72 0.24
N ILE C 267 -16.56 28.03 1.36
CA ILE C 267 -15.26 27.64 1.91
C ILE C 267 -15.09 26.11 1.87
N SER C 268 -13.99 25.68 1.25
CA SER C 268 -13.65 24.26 1.17
C SER C 268 -12.61 23.89 2.22
N LEU C 269 -12.59 22.62 2.61
CA LEU C 269 -11.64 22.11 3.59
C LEU C 269 -11.02 20.80 3.11
N GLU C 270 -9.71 20.83 2.90
CA GLU C 270 -8.94 19.65 2.48
C GLU C 270 -8.03 19.18 3.61
N LEU C 271 -8.07 17.87 3.87
CA LEU C 271 -7.18 17.27 4.85
C LEU C 271 -6.27 16.25 4.21
N THR C 272 -4.98 16.31 4.56
CA THR C 272 -3.98 15.38 4.05
C THR C 272 -4.04 14.05 4.80
N GLU C 273 -3.30 13.05 4.30
CA GLU C 273 -3.16 11.76 4.96
C GLU C 273 -2.63 11.93 6.39
N ALA C 274 -1.67 12.84 6.54
CA ALA C 274 -1.07 13.16 7.84
C ALA C 274 -2.07 13.82 8.78
N ALA C 275 -2.77 14.84 8.29
CA ALA C 275 -3.77 15.56 9.07
C ALA C 275 -4.86 14.64 9.62
N LYS C 276 -5.26 13.66 8.81
CA LYS C 276 -6.24 12.65 9.21
C LYS C 276 -5.65 11.64 10.19
N ASP C 277 -4.40 11.22 9.94
CA ASP C 277 -3.66 10.35 10.85
C ASP C 277 -3.53 10.96 12.24
N PHE C 278 -3.24 12.26 12.26
CA PHE C 278 -3.12 13.04 13.49
C PHE C 278 -4.38 12.94 14.34
N LEU C 279 -5.53 13.17 13.71
CA LEU C 279 -6.82 13.16 14.41
C LEU C 279 -7.24 11.76 14.82
N ALA C 280 -6.93 10.77 13.97
CA ALA C 280 -7.24 9.38 14.24
C ALA C 280 -6.44 8.84 15.43
N GLU C 281 -5.19 9.26 15.52
CA GLU C 281 -4.26 8.82 16.56
C GLU C 281 -4.71 9.23 17.96
N ARG C 282 -5.33 10.40 18.07
CA ARG C 282 -5.77 10.94 19.36
C ARG C 282 -7.24 10.65 19.67
N GLY C 283 -8.04 10.51 18.62
CA GLY C 283 -9.49 10.29 18.77
C GLY C 283 -9.93 8.84 18.76
N TYR C 284 -9.00 7.93 18.99
CA TYR C 284 -9.31 6.50 19.08
C TYR C 284 -8.40 5.77 20.07
N ASP C 285 -9.02 5.05 21.00
CA ASP C 285 -8.34 4.09 21.86
C ASP C 285 -9.20 2.83 22.02
N PRO C 286 -8.56 1.65 22.15
CA PRO C 286 -9.27 0.36 22.23
C PRO C 286 -10.38 0.29 23.28
N VAL C 287 -10.30 1.14 24.31
CA VAL C 287 -11.30 1.14 25.38
C VAL C 287 -12.54 1.96 25.02
N PHE C 288 -12.33 3.21 24.59
CA PHE C 288 -13.44 4.12 24.29
C PHE C 288 -13.90 4.10 22.84
N GLY C 289 -13.11 3.48 21.97
CA GLY C 289 -13.41 3.44 20.54
C GLY C 289 -13.17 4.79 19.89
N ALA C 290 -14.14 5.24 19.10
CA ALA C 290 -14.04 6.53 18.41
C ALA C 290 -14.82 7.64 19.13
N ARG C 291 -15.11 7.42 20.41
CA ARG C 291 -15.84 8.37 21.24
C ARG C 291 -15.11 9.70 21.49
N PRO C 292 -13.77 9.68 21.66
CA PRO C 292 -13.11 10.97 21.87
C PRO C 292 -12.87 11.76 20.57
N LEU C 293 -13.19 11.18 19.42
CA LEU C 293 -12.89 11.82 18.13
C LEU C 293 -13.58 13.16 17.91
N ARG C 294 -14.89 13.22 18.17
CA ARG C 294 -15.67 14.44 17.99
C ARG C 294 -15.01 15.64 18.68
N ARG C 295 -14.73 15.51 19.98
CA ARG C 295 -14.12 16.59 20.74
C ARG C 295 -12.65 16.84 20.38
N VAL C 296 -11.98 15.83 19.84
CA VAL C 296 -10.62 16.00 19.31
C VAL C 296 -10.66 16.88 18.06
N ILE C 297 -11.62 16.62 17.17
CA ILE C 297 -11.87 17.47 16.01
C ILE C 297 -12.25 18.88 16.45
N GLN C 298 -13.03 18.98 17.53
CA GLN C 298 -13.41 20.26 18.10
C GLN C 298 -12.20 21.03 18.65
N ARG C 299 -11.31 20.31 19.33
CA ARG C 299 -10.14 20.91 19.97
C ARG C 299 -9.01 21.16 18.97
N GLU C 300 -8.78 20.21 18.05
CA GLU C 300 -7.62 20.25 17.17
C GLU C 300 -7.86 20.88 15.79
N LEU C 301 -9.10 20.86 15.31
CA LEU C 301 -9.42 21.42 14.00
C LEU C 301 -10.28 22.68 14.07
N GLU C 302 -11.49 22.54 14.63
CA GLU C 302 -12.48 23.61 14.66
C GLU C 302 -12.02 24.89 15.39
N THR C 303 -11.35 24.71 16.52
CA THR C 303 -10.86 25.84 17.34
C THR C 303 -9.86 26.74 16.60
N PRO C 304 -8.73 26.17 16.11
CA PRO C 304 -7.79 27.01 15.36
C PRO C 304 -8.35 27.54 14.03
N LEU C 305 -9.23 26.77 13.39
CA LEU C 305 -9.90 27.20 12.16
C LEU C 305 -10.78 28.41 12.39
N ALA C 306 -11.48 28.42 13.54
CA ALA C 306 -12.32 29.55 13.95
C ALA C 306 -11.50 30.81 14.15
N GLN C 307 -10.37 30.67 14.85
CA GLN C 307 -9.42 31.75 15.08
C GLN C 307 -8.91 32.33 13.76
N LYS C 308 -8.65 31.45 12.80
CA LYS C 308 -8.17 31.84 11.46
C LYS C 308 -9.22 32.61 10.67
N ILE C 309 -10.49 32.23 10.82
CA ILE C 309 -11.60 32.89 10.13
C ILE C 309 -11.84 34.30 10.65
N LEU C 310 -11.86 34.45 11.98
CA LEU C 310 -12.10 35.74 12.61
C LEU C 310 -10.92 36.70 12.47
N ALA C 311 -9.72 36.16 12.26
CA ALA C 311 -8.53 36.97 12.03
C ALA C 311 -8.40 37.39 10.55
N GLY C 312 -9.33 36.91 9.73
CA GLY C 312 -9.37 37.27 8.30
C GLY C 312 -8.40 36.52 7.42
N GLU C 313 -7.75 35.51 7.99
CA GLU C 313 -6.80 34.67 7.25
C GLU C 313 -7.52 33.64 6.37
N VAL C 314 -8.78 33.36 6.72
CA VAL C 314 -9.66 32.53 5.90
C VAL C 314 -10.89 33.37 5.56
N LYS C 315 -11.14 33.55 4.26
CA LYS C 315 -12.23 34.41 3.82
C LYS C 315 -13.18 33.67 2.85
N GLU C 316 -14.31 34.30 2.55
CA GLU C 316 -15.31 33.76 1.63
C GLU C 316 -14.71 33.48 0.25
N GLY C 317 -14.68 32.20 -0.12
CA GLY C 317 -14.16 31.77 -1.42
C GLY C 317 -12.89 30.94 -1.34
N ASP C 318 -12.32 30.85 -0.14
CA ASP C 318 -11.03 30.16 0.07
C ASP C 318 -11.15 28.66 0.16
N ARG C 319 -10.10 27.97 -0.30
CA ARG C 319 -9.96 26.53 -0.10
C ARG C 319 -8.92 26.29 1.00
N VAL C 320 -9.40 25.85 2.17
CA VAL C 320 -8.53 25.63 3.32
C VAL C 320 -7.81 24.28 3.23
N GLN C 321 -6.50 24.30 3.45
CA GLN C 321 -5.65 23.12 3.33
C GLN C 321 -5.00 22.78 4.68
N VAL C 322 -5.43 21.67 5.28
CA VAL C 322 -4.95 21.25 6.60
C VAL C 322 -3.91 20.14 6.50
N ASP C 323 -2.77 20.34 7.17
CA ASP C 323 -1.71 19.34 7.26
C ASP C 323 -1.19 19.24 8.69
N VAL C 324 -0.08 18.54 8.90
CA VAL C 324 0.51 18.35 10.22
C VAL C 324 1.76 19.22 10.41
N GLY C 325 1.81 19.92 11.53
CA GLY C 325 2.98 20.70 11.93
C GLY C 325 3.61 20.15 13.21
N PRO C 326 4.60 20.88 13.76
CA PRO C 326 5.28 20.45 14.99
C PRO C 326 4.42 20.59 16.25
N ALA C 327 3.49 21.55 16.24
CA ALA C 327 2.64 21.82 17.40
C ALA C 327 1.22 21.25 17.25
N GLY C 328 0.89 20.80 16.05
CA GLY C 328 -0.43 20.25 15.78
C GLY C 328 -0.80 20.38 14.31
N LEU C 329 -2.02 20.86 14.06
CA LEU C 329 -2.51 21.01 12.68
C LEU C 329 -2.26 22.39 12.12
N VAL C 330 -1.82 22.44 10.86
CA VAL C 330 -1.50 23.71 10.19
C VAL C 330 -2.54 24.06 9.12
N PHE C 331 -2.83 25.34 9.00
CA PHE C 331 -3.86 25.83 8.09
C PHE C 331 -3.27 26.84 7.11
N ALA C 332 -3.61 26.68 5.82
CA ALA C 332 -3.07 27.52 4.76
C ALA C 332 -4.04 27.68 3.61
N VAL C 333 -3.93 28.80 2.90
CA VAL C 333 -4.74 29.06 1.70
C VAL C 333 -3.83 29.41 0.51
N PRO C 334 -3.73 28.51 -0.48
CA PRO C 334 -2.91 28.75 -1.67
C PRO C 334 -3.69 29.36 -2.83
PB MNT D . 5.72 14.49 -12.98
O1B MNT D . 5.05 15.42 -13.96
O2B MNT D . 5.07 14.50 -11.61
O3B MNT D . 7.22 14.62 -12.93
PA MNT D . 5.93 12.45 -14.97
O1A MNT D . 6.33 13.63 -15.83
O2A MNT D . 6.92 11.33 -14.77
O3A MNT D . 5.45 13.00 -13.53
O5' MNT D . 4.59 11.82 -15.59
C5B MNT D . 4.14 10.52 -15.17
C4B MNT D . 3.93 9.56 -16.34
O4' MNT D . 3.04 10.10 -17.31
C3B MNT D . 5.20 9.24 -17.09
O3' MNT D . 5.02 7.95 -17.66
C2B MNT D . 5.21 10.21 -18.26
C1B MNT D . 3.72 10.42 -18.53
N9 MNT D . 3.38 11.81 -18.90
C8 MNT D . 2.72 12.67 -18.11
N7 MNT D . 2.54 13.86 -18.72
C5 MNT D . 3.08 13.77 -19.95
C6 MNT D . 3.23 14.68 -21.11
N6 MNT D . 2.73 15.94 -21.06
N1 MNT D . 3.86 14.20 -22.20
C2 MNT D . 4.34 12.94 -22.25
N3 MNT D . 4.25 12.06 -21.23
C4 MNT D . 3.63 12.41 -20.07
C' MNT D . 5.97 7.04 -17.82
O1' MNT D . 7.14 7.26 -17.46
C1' MNT D . 5.49 5.78 -18.47
C2' MNT D . 6.39 4.69 -18.72
N2' MNT D . 7.72 4.74 -18.38
CM' MNT D . 8.70 3.67 -18.60
C3' MNT D . 5.79 3.54 -19.35
C4' MNT D . 4.48 3.47 -19.67
C5' MNT D . 3.61 4.52 -19.44
C6' MNT D . 4.14 5.68 -18.83
P PO4 E . 6.19 17.01 -8.28
O1 PO4 E . 6.44 18.19 -9.20
O2 PO4 E . 7.00 15.82 -8.75
O3 PO4 E . 4.72 16.67 -8.29
O4 PO4 E . 6.61 17.37 -6.87
PB MNT F . 14.47 -15.93 5.24
O1B MNT F . 13.01 -15.55 5.19
O2B MNT F . 15.24 -15.29 6.35
O3B MNT F . 15.14 -15.86 3.90
PA MNT F . 13.47 -18.58 5.00
O1A MNT F . 12.57 -17.92 3.98
O2A MNT F . 14.27 -19.79 4.59
O3A MNT F . 14.50 -17.51 5.63
O5' MNT F . 12.57 -18.96 6.29
C5B MNT F . 13.01 -19.92 7.26
C4B MNT F . 12.08 -21.13 7.31
O4' MNT F . 10.71 -20.73 7.44
C3B MNT F . 12.17 -21.96 6.04
O3' MNT F . 12.34 -23.35 6.33
C2B MNT F . 10.86 -21.78 5.32
C1B MNT F . 9.91 -21.25 6.38
N9 MNT F . 9.02 -20.20 5.83
C8 MNT F . 9.09 -18.90 6.14
N7 MNT F . 8.13 -18.20 5.47
C5 MNT F . 7.44 -19.06 4.72
C6 MNT F . 6.30 -18.97 3.77
N6 MNT F . 5.71 -17.79 3.50
N1 MNT F . 5.88 -20.11 3.19
C2 MNT F . 6.47 -21.30 3.46
N3 MNT F . 7.51 -21.45 4.30
C4 MNT F . 8.03 -20.39 4.96
C' MNT F . 13.55 -23.88 6.44
O1' MNT F . 14.58 -23.21 6.32
C1' MNT F . 13.56 -25.35 6.74
C2' MNT F . 14.82 -26.02 6.89
N2' MNT F . 16.02 -25.37 6.76
CM' MNT F . 17.35 -25.97 6.90
C3' MNT F . 14.73 -27.44 7.18
C4' MNT F . 13.54 -28.08 7.29
C5' MNT F . 12.32 -27.44 7.15
C6' MNT F . 12.35 -26.04 6.87
P PO4 G . 17.41 -12.27 4.78
O1 PO4 G . 17.24 -11.44 6.04
O2 PO4 G . 16.31 -11.93 3.81
O3 PO4 G . 18.76 -11.98 4.16
O4 PO4 G . 17.34 -13.73 5.14
PB MNT H . -21.08 2.79 20.65
O1B MNT H . -20.45 1.83 19.67
O2B MNT H . -20.54 2.70 22.06
O3B MNT H . -22.58 2.84 20.57
PA MNT H . -21.01 4.88 18.72
O1A MNT H . -21.15 3.75 17.73
O2A MNT H . -22.14 5.86 18.89
O3A MNT H . -20.61 4.26 20.16
O5' MNT H . -19.68 5.71 18.32
C5B MNT H . -19.36 6.95 18.95
C4B MNT H . -18.94 8.00 17.91
O4' MNT H . -17.92 7.47 17.06
C3B MNT H . -20.11 8.39 17.02
O3' MNT H . -20.20 9.81 16.88
C2B MNT H . -19.80 7.82 15.64
C1B MNT H . -18.33 7.43 15.69
N9 MNT H . -18.14 6.07 15.15
C8 MNT H . -17.69 5.01 15.85
N7 MNT H . -17.63 3.91 15.07
C5 MNT H . -18.04 4.25 13.84
C6 MNT H . -18.22 3.54 12.55
N6 MNT H . -17.93 2.22 12.41
N1 MNT H . -18.69 4.26 11.51
C2 MNT H . -18.98 5.57 11.62
N3 MNT H . -18.83 6.27 12.76
C4 MNT H . -18.38 5.67 13.89
C' MNT H . -21.13 10.50 17.51
O1' MNT H . -21.95 9.98 18.29
C1' MNT H . -21.08 11.98 17.24
C2' MNT H . -22.02 12.85 17.87
N2' MNT H . -22.99 12.40 18.74
CM' MNT H . -23.99 13.22 19.42
C3' MNT H . -21.88 14.26 17.53
C4' MNT H . -20.93 14.72 16.68
C5' MNT H . -20.03 13.87 16.07
C6' MNT H . -20.11 12.48 16.36
P PO4 I . -22.39 -0.94 24.39
O1 PO4 I . -23.35 0.10 23.83
O2 PO4 I . -22.71 -1.19 25.84
O3 PO4 I . -20.97 -0.40 24.27
O4 PO4 I . -22.51 -2.21 23.59
#